data_6PF6
#
_entry.id   6PF6
#
_cell.length_a   152.215
_cell.length_b   152.215
_cell.length_c   107.070
_cell.angle_alpha   90.00
_cell.angle_beta   90.00
_cell.angle_gamma   90.00
#
_symmetry.space_group_name_H-M   'P 41 21 2'
#
loop_
_entity.id
_entity.type
_entity.pdbx_description
1 polymer 'Thymidylate synthase,Thymidylate synthase'
2 non-polymer "2'-DEOXYURIDINE 5'-MONOPHOSPHATE"
3 non-polymer '2-({4-[(2-amino-4-oxo-4,7-dihydro-3H-pyrrolo[2,3-d]pyrimidin-5-yl)methyl]benzene-1-carbonyl}amino)benzene-1,4-dicarboxylic acid'
4 water water
#
_entity_poly.entity_id   1
_entity_poly.type   'polypeptide(L)'
_entity_poly.pdbx_seq_one_letter_code
;MPVAGSELQYLGQIQHILRCGVRKDDRTGTGTLSVFGMQARYSLRDEFPLLTTKRVFWKGVLEELLWFIKGSTNAKELSS
KGVKIWDANGSRDFLDSLGFSTREEGDLGPVYGFQWRHFGAEYRDMESDYSGQGVDQLQRVIDTIKTNPDDRRIIMCAWN
PRDLPLMALPPCHALCQFYVVNSELSCQLYQRSGDMGLGVPFNIASYALLTYMIAHITGLKPGDFIHTLGDAHIYLNHIE
PLKIQLQREPRPFPKLRILRKVEKIDDFKAEDFQIEGYNPHPTIKMEMAV
;
_entity_poly.pdbx_strand_id   B,A,C,D
#
loop_
_chem_comp.id
_chem_comp.type
_chem_comp.name
_chem_comp.formula
OEJ non-polymer '2-({4-[(2-amino-4-oxo-4,7-dihydro-3H-pyrrolo[2,3-d]pyrimidin-5-yl)methyl]benzene-1-carbonyl}amino)benzene-1,4-dicarboxylic acid' 'C22 H17 N5 O6'
UMP non-polymer '2'-DEOXYURIDINE 5'-MONOPHOSPHATE' 'C9 H13 N2 O8 P'
#
# COMPACT_ATOMS: atom_id res chain seq x y z
N SER A 6 3.13 -12.53 30.90
CA SER A 6 1.82 -12.18 30.38
C SER A 6 1.76 -10.73 29.91
N GLU A 7 0.79 -9.99 30.42
CA GLU A 7 0.69 -8.57 30.06
C GLU A 7 1.80 -7.74 30.68
N LEU A 8 2.44 -8.23 31.74
CA LEU A 8 3.55 -7.50 32.34
C LEU A 8 4.72 -7.35 31.37
N GLN A 9 4.85 -8.29 30.43
CA GLN A 9 5.94 -8.20 29.45
C GLN A 9 5.77 -6.99 28.56
N TYR A 10 4.55 -6.72 28.10
CA TYR A 10 4.29 -5.51 27.34
C TYR A 10 4.53 -4.26 28.19
N LEU A 11 3.98 -4.25 29.41
CA LEU A 11 4.19 -3.12 30.29
C LEU A 11 5.67 -2.94 30.62
N GLY A 12 6.40 -4.04 30.74
CA GLY A 12 7.83 -3.94 30.96
C GLY A 12 8.56 -3.30 29.79
N GLN A 13 8.11 -3.60 28.57
CA GLN A 13 8.71 -2.98 27.39
C GLN A 13 8.40 -1.49 27.34
N ILE A 14 7.19 -1.09 27.74
CA ILE A 14 6.85 0.32 27.80
C ILE A 14 7.77 1.04 28.79
N GLN A 15 7.94 0.45 29.97
CA GLN A 15 8.80 1.05 30.99
C GLN A 15 10.25 1.12 30.51
N HIS A 16 10.73 0.07 29.85
CA HIS A 16 12.11 0.05 29.40
C HIS A 16 12.37 1.14 28.36
N ILE A 17 11.41 1.39 27.48
CA ILE A 17 11.57 2.44 26.49
C ILE A 17 11.51 3.82 27.13
N LEU A 18 10.61 4.00 28.10
CA LEU A 18 10.53 5.26 28.82
C LEU A 18 11.80 5.54 29.63
N ARG A 19 12.44 4.49 30.15
CA ARG A 19 13.60 4.67 31.01
C ARG A 19 14.93 4.56 30.28
N CYS A 20 15.01 3.78 29.21
CA CYS A 20 16.26 3.55 28.51
C CYS A 20 16.21 3.87 27.03
N GLY A 21 15.08 4.37 26.52
CA GLY A 21 14.98 4.67 25.10
C GLY A 21 15.62 6.01 24.75
N VAL A 22 16.32 6.04 23.63
CA VAL A 22 16.98 7.25 23.16
C VAL A 22 16.03 8.04 22.27
N ARG A 23 16.22 9.36 22.25
CA ARG A 23 15.44 10.22 21.39
C ARG A 23 15.81 10.00 19.93
N LYS A 24 14.79 9.91 19.07
CA LYS A 24 15.01 9.65 17.65
C LYS A 24 13.86 10.23 16.86
N ASP A 25 14.15 11.17 15.97
CA ASP A 25 13.11 11.70 15.08
C ASP A 25 12.74 10.66 14.02
N ASP A 26 11.55 10.81 13.46
CA ASP A 26 11.13 9.90 12.39
C ASP A 26 10.51 10.64 11.22
N ARG A 27 9.91 9.88 10.30
CA ARG A 27 9.34 10.44 9.08
C ARG A 27 8.15 11.35 9.34
N THR A 28 7.37 11.09 10.39
CA THR A 28 6.17 11.86 10.69
C THR A 28 6.44 13.22 11.32
N GLY A 29 7.70 13.62 11.47
CA GLY A 29 8.02 14.90 12.07
C GLY A 29 7.93 14.94 13.57
N THR A 30 7.19 14.02 14.18
CA THR A 30 7.12 13.95 15.63
C THR A 30 8.33 13.18 16.14
N GLY A 31 8.57 13.24 17.44
CA GLY A 31 9.68 12.51 18.01
C GLY A 31 9.27 11.16 18.57
N THR A 32 10.28 10.36 18.88
CA THR A 32 10.08 9.05 19.49
C THR A 32 11.17 8.81 20.52
N LEU A 33 10.86 7.94 21.47
CA LEU A 33 11.85 7.27 22.29
C LEU A 33 11.99 5.85 21.74
N SER A 34 13.19 5.51 21.25
CA SER A 34 13.37 4.33 20.42
C SER A 34 14.32 3.34 21.06
N VAL A 35 14.02 2.05 20.91
CA VAL A 35 14.90 0.95 21.25
C VAL A 35 14.87 -0.04 20.09
N PHE A 36 16.05 -0.53 19.70
CA PHE A 36 16.18 -1.44 18.57
C PHE A 36 16.47 -2.85 19.07
N GLY A 37 15.54 -3.77 18.81
CA GLY A 37 15.72 -5.15 19.19
C GLY A 37 15.08 -5.52 20.53
N MET A 38 13.86 -6.03 20.48
CA MET A 38 13.16 -6.51 21.67
C MET A 38 12.40 -7.77 21.32
N GLN A 39 12.06 -8.55 22.35
CA GLN A 39 11.32 -9.78 22.14
C GLN A 39 10.48 -10.08 23.37
N ALA A 40 9.21 -10.37 23.15
CA ALA A 40 8.29 -10.73 24.22
C ALA A 40 7.57 -12.02 23.84
N ARG A 41 7.08 -12.71 24.86
CA ARG A 41 6.40 -13.99 24.70
C ARG A 41 5.05 -13.93 25.38
N TYR A 42 3.99 -14.25 24.64
CA TYR A 42 2.63 -14.19 25.14
C TYR A 42 1.99 -15.56 25.00
N SER A 43 1.54 -16.13 26.11
CA SER A 43 0.93 -17.44 26.08
C SER A 43 -0.46 -17.38 25.46
N LEU A 44 -0.81 -18.42 24.73
CA LEU A 44 -2.13 -18.55 24.12
C LEU A 44 -2.92 -19.71 24.71
N ARG A 45 -2.42 -20.30 25.79
CA ARG A 45 -3.00 -21.50 26.37
C ARG A 45 -4.13 -21.11 27.31
N ASP A 46 -5.36 -21.41 26.91
CA ASP A 46 -6.56 -21.13 27.69
C ASP A 46 -6.72 -19.64 27.99
N GLU A 47 -6.13 -18.78 27.16
CA GLU A 47 -6.29 -17.33 27.31
C GLU A 47 -5.95 -16.66 25.99
N PHE A 48 -6.43 -15.43 25.85
CA PHE A 48 -6.20 -14.62 24.66
C PHE A 48 -5.60 -13.29 25.08
N PRO A 49 -4.43 -12.90 24.55
CA PRO A 49 -3.74 -11.68 25.03
C PRO A 49 -4.36 -10.39 24.52
N LEU A 50 -5.60 -10.13 24.92
CA LEU A 50 -6.24 -8.83 24.73
C LEU A 50 -5.97 -8.00 25.97
N LEU A 51 -5.21 -6.91 25.82
CA LEU A 51 -4.69 -6.18 26.96
C LEU A 51 -5.81 -5.64 27.84
N THR A 52 -5.56 -5.66 29.15
CA THR A 52 -6.53 -5.21 30.14
C THR A 52 -6.23 -3.85 30.74
N THR A 53 -4.96 -3.41 30.70
CA THR A 53 -4.63 -2.09 31.22
C THR A 53 -5.15 -0.96 30.33
N LYS A 54 -5.73 -1.30 29.19
CA LYS A 54 -6.35 -0.32 28.30
C LYS A 54 -7.23 -1.09 27.33
N ARG A 55 -8.45 -0.61 27.10
CA ARG A 55 -9.35 -1.30 26.18
C ARG A 55 -8.76 -1.30 24.78
N VAL A 56 -8.69 -2.49 24.18
CA VAL A 56 -8.13 -2.66 22.84
C VAL A 56 -9.27 -2.74 21.84
N PHE A 57 -9.09 -2.06 20.70
CA PHE A 57 -10.10 -2.04 19.64
C PHE A 57 -10.22 -3.44 19.03
N TRP A 58 -10.93 -4.31 19.75
CA TRP A 58 -11.07 -5.69 19.31
C TRP A 58 -11.88 -5.80 18.02
N LYS A 59 -12.93 -5.00 17.88
CA LYS A 59 -13.71 -5.02 16.65
C LYS A 59 -12.84 -4.70 15.45
N GLY A 60 -11.89 -3.78 15.61
CA GLY A 60 -10.94 -3.50 14.55
C GLY A 60 -9.99 -4.67 14.30
N VAL A 61 -9.57 -5.34 15.39
CA VAL A 61 -8.67 -6.48 15.24
C VAL A 61 -9.32 -7.58 14.42
N LEU A 62 -10.58 -7.89 14.72
CA LEU A 62 -11.26 -8.98 14.04
C LEU A 62 -11.53 -8.64 12.58
N GLU A 63 -12.04 -7.44 12.32
CA GLU A 63 -12.35 -7.06 10.95
C GLU A 63 -11.11 -6.93 10.08
N GLU A 64 -10.03 -6.40 10.64
CA GLU A 64 -8.81 -6.21 9.84
C GLU A 64 -8.18 -7.55 9.47
N LEU A 65 -8.23 -8.52 10.37
CA LEU A 65 -7.65 -9.83 10.06
C LEU A 65 -8.46 -10.53 8.98
N LEU A 66 -9.79 -10.49 9.08
CA LEU A 66 -10.62 -11.00 8.00
C LEU A 66 -10.42 -10.19 6.73
N TRP A 67 -10.15 -8.89 6.86
CA TRP A 67 -9.82 -8.06 5.71
C TRP A 67 -8.49 -8.47 5.10
N PHE A 68 -7.54 -8.93 5.92
CA PHE A 68 -6.30 -9.46 5.40
C PHE A 68 -6.51 -10.81 4.71
N ILE A 69 -7.31 -11.68 5.32
CA ILE A 69 -7.47 -13.05 4.81
C ILE A 69 -8.15 -13.04 3.45
N LYS A 70 -9.15 -12.17 3.26
CA LYS A 70 -9.83 -12.07 1.97
C LYS A 70 -8.94 -11.49 0.88
N GLY A 71 -7.71 -11.07 1.22
CA GLY A 71 -6.80 -10.50 0.26
C GLY A 71 -7.07 -9.06 -0.12
N SER A 72 -7.94 -8.37 0.61
CA SER A 72 -8.33 -7.02 0.22
C SER A 72 -7.24 -6.02 0.55
N THR A 73 -7.02 -5.07 -0.36
CA THR A 73 -6.13 -3.94 -0.15
C THR A 73 -6.87 -2.62 -0.27
N ASN A 74 -8.19 -2.63 -0.05
CA ASN A 74 -9.03 -1.45 -0.18
C ASN A 74 -9.40 -0.95 1.20
N ALA A 75 -8.95 0.26 1.54
CA ALA A 75 -9.28 0.83 2.85
C ALA A 75 -10.77 1.06 3.00
N LYS A 76 -11.47 1.34 1.89
CA LYS A 76 -12.92 1.52 1.96
C LYS A 76 -13.62 0.21 2.35
N GLU A 77 -13.05 -0.93 1.97
CA GLU A 77 -13.61 -2.21 2.36
C GLU A 77 -13.55 -2.42 3.87
N LEU A 78 -12.45 -1.99 4.49
CA LEU A 78 -12.34 -2.11 5.94
C LEU A 78 -13.09 -1.00 6.68
N SER A 79 -13.07 0.21 6.14
CA SER A 79 -13.76 1.33 6.78
C SER A 79 -15.27 1.13 6.80
N SER A 80 -15.81 0.49 5.76
CA SER A 80 -17.25 0.25 5.70
C SER A 80 -17.72 -0.75 6.76
N LYS A 81 -16.80 -1.48 7.38
CA LYS A 81 -17.14 -2.38 8.49
C LYS A 81 -17.09 -1.67 9.83
N GLY A 82 -16.81 -0.37 9.84
CA GLY A 82 -16.69 0.41 11.06
C GLY A 82 -15.28 0.59 11.57
N VAL A 83 -14.28 0.07 10.85
CA VAL A 83 -12.89 0.15 11.26
C VAL A 83 -12.20 1.13 10.33
N LYS A 84 -11.95 2.35 10.81
CA LYS A 84 -11.40 3.43 10.00
C LYS A 84 -9.91 3.63 10.23
N ILE A 85 -9.20 2.57 10.63
CA ILE A 85 -7.80 2.71 11.00
C ILE A 85 -6.90 2.97 9.81
N TRP A 86 -7.31 2.57 8.60
CA TRP A 86 -6.49 2.78 7.42
C TRP A 86 -6.99 3.92 6.54
N ASP A 87 -8.02 4.64 6.97
CA ASP A 87 -8.58 5.69 6.12
C ASP A 87 -7.60 6.84 5.93
N ALA A 88 -6.74 7.09 6.91
CA ALA A 88 -5.76 8.16 6.78
C ALA A 88 -4.70 7.80 5.74
N ASN A 89 -4.30 6.54 5.69
CA ASN A 89 -3.28 6.10 4.76
C ASN A 89 -3.81 5.87 3.35
N GLY A 90 -5.13 5.85 3.17
CA GLY A 90 -5.75 5.74 1.86
C GLY A 90 -6.43 6.99 1.37
N SER A 91 -6.33 8.10 2.09
CA SER A 91 -7.00 9.33 1.71
C SER A 91 -6.37 9.93 0.45
N ARG A 92 -7.12 10.83 -0.18
CA ARG A 92 -6.63 11.47 -1.40
C ARG A 92 -5.41 12.33 -1.12
N ASP A 93 -5.42 13.04 0.00
CA ASP A 93 -4.27 13.88 0.35
C ASP A 93 -3.02 13.03 0.60
N PHE A 94 -3.18 11.89 1.27
CA PHE A 94 -2.02 11.06 1.58
C PHE A 94 -1.51 10.33 0.33
N LEU A 95 -2.42 9.83 -0.50
CA LEU A 95 -2.00 9.18 -1.73
C LEU A 95 -1.32 10.15 -2.68
N ASP A 96 -1.74 11.42 -2.68
CA ASP A 96 -1.08 12.42 -3.50
C ASP A 96 0.31 12.74 -2.96
N SER A 97 0.48 12.74 -1.64
CA SER A 97 1.79 13.00 -1.05
C SER A 97 2.80 11.91 -1.40
N LEU A 98 2.33 10.72 -1.77
CA LEU A 98 3.20 9.63 -2.20
C LEU A 98 3.37 9.58 -3.72
N GLY A 99 2.67 10.45 -4.45
CA GLY A 99 2.74 10.44 -5.90
C GLY A 99 1.68 9.61 -6.59
N PHE A 100 0.67 9.13 -5.86
CA PHE A 100 -0.36 8.27 -6.43
C PHE A 100 -1.57 9.12 -6.79
N SER A 101 -1.37 10.00 -7.77
CA SER A 101 -2.43 10.90 -8.19
C SER A 101 -3.48 10.20 -9.04
N THR A 102 -3.12 9.11 -9.71
CA THR A 102 -4.05 8.37 -10.56
C THR A 102 -4.77 7.25 -9.84
N ARG A 103 -4.57 7.10 -8.53
CA ARG A 103 -5.22 6.04 -7.76
C ARG A 103 -6.50 6.55 -7.14
N GLU A 104 -7.53 5.70 -7.17
CA GLU A 104 -8.77 6.01 -6.48
C GLU A 104 -8.55 6.00 -4.97
N GLU A 105 -9.31 6.83 -4.27
CA GLU A 105 -9.16 6.93 -2.81
C GLU A 105 -9.47 5.59 -2.17
N GLY A 106 -8.55 5.13 -1.33
CA GLY A 106 -8.67 3.83 -0.68
C GLY A 106 -7.76 2.76 -1.23
N ASP A 107 -7.11 3.02 -2.36
CA ASP A 107 -6.19 2.04 -2.95
C ASP A 107 -4.86 2.11 -2.21
N LEU A 108 -4.68 1.22 -1.24
CA LEU A 108 -3.45 1.19 -0.45
C LEU A 108 -2.28 0.56 -1.19
N GLY A 109 -2.51 -0.02 -2.36
CA GLY A 109 -1.47 -0.68 -3.11
C GLY A 109 -1.30 -2.13 -2.68
N PRO A 110 -0.25 -2.77 -3.16
CA PRO A 110 -0.01 -4.16 -2.77
C PRO A 110 0.49 -4.27 -1.33
N VAL A 111 -0.44 -4.42 -0.39
CA VAL A 111 -0.08 -4.44 1.03
C VAL A 111 -0.36 -5.82 1.61
N TYR A 112 -0.57 -5.87 2.92
CA TYR A 112 -0.65 -7.14 3.65
C TYR A 112 -1.56 -8.15 2.95
N GLY A 113 -2.78 -7.72 2.62
CA GLY A 113 -3.74 -8.65 2.04
C GLY A 113 -3.30 -9.19 0.68
N PHE A 114 -2.64 -8.36 -0.12
CA PHE A 114 -2.18 -8.80 -1.42
C PHE A 114 -1.01 -9.76 -1.32
N GLN A 115 -0.04 -9.45 -0.44
CA GLN A 115 1.15 -10.28 -0.34
C GLN A 115 0.85 -11.61 0.34
N TRP A 116 -0.12 -11.65 1.25
CA TRP A 116 -0.45 -12.91 1.91
C TRP A 116 -1.06 -13.91 0.94
N ARG A 117 -1.83 -13.44 -0.04
CA ARG A 117 -2.62 -14.31 -0.89
C ARG A 117 -2.14 -14.38 -2.33
N HIS A 118 -1.45 -13.34 -2.83
CA HIS A 118 -1.02 -13.31 -4.23
C HIS A 118 0.39 -12.74 -4.33
N PHE A 119 1.33 -13.29 -3.55
CA PHE A 119 2.69 -12.78 -3.56
C PHE A 119 3.32 -13.03 -4.93
N GLY A 120 3.91 -11.99 -5.51
CA GLY A 120 4.54 -12.09 -6.81
C GLY A 120 3.65 -11.73 -7.98
N ALA A 121 2.36 -11.48 -7.75
CA ALA A 121 1.47 -11.10 -8.82
C ALA A 121 1.67 -9.65 -9.21
N GLU A 122 1.36 -9.34 -10.46
CA GLU A 122 1.49 -7.97 -10.97
C GLU A 122 0.30 -7.17 -10.45
N TYR A 123 0.56 -6.23 -9.54
CA TYR A 123 -0.52 -5.46 -8.94
C TYR A 123 -0.97 -4.36 -9.89
N ARG A 124 -2.28 -4.27 -10.11
CA ARG A 124 -2.87 -3.22 -10.92
C ARG A 124 -3.57 -2.19 -10.04
N ASP A 125 -4.74 -2.53 -9.49
CA ASP A 125 -5.43 -1.67 -8.53
C ASP A 125 -6.14 -2.55 -7.53
N MET A 126 -6.93 -1.93 -6.65
CA MET A 126 -7.60 -2.65 -5.58
C MET A 126 -8.82 -3.44 -6.07
N GLU A 127 -9.41 -3.05 -7.19
CA GLU A 127 -10.60 -3.71 -7.72
C GLU A 127 -10.29 -4.79 -8.75
N SER A 128 -9.02 -5.16 -8.91
CA SER A 128 -8.64 -6.17 -9.88
C SER A 128 -8.86 -7.57 -9.32
N ASP A 129 -8.98 -8.54 -10.23
CA ASP A 129 -9.12 -9.94 -9.87
C ASP A 129 -7.77 -10.63 -10.05
N TYR A 130 -7.23 -11.16 -8.96
CA TYR A 130 -5.94 -11.83 -8.97
C TYR A 130 -6.06 -13.34 -8.75
N SER A 131 -7.21 -13.91 -9.11
CA SER A 131 -7.43 -15.34 -8.87
C SER A 131 -6.44 -16.17 -9.66
N GLY A 132 -5.77 -17.10 -8.96
CA GLY A 132 -4.77 -17.93 -9.56
C GLY A 132 -3.41 -17.28 -9.74
N GLN A 133 -3.29 -15.99 -9.46
CA GLN A 133 -2.05 -15.25 -9.64
C GLN A 133 -1.34 -15.09 -8.30
N GLY A 134 -0.01 -15.20 -8.33
CA GLY A 134 0.79 -15.04 -7.13
C GLY A 134 0.82 -16.28 -6.26
N VAL A 135 1.55 -16.17 -5.16
CA VAL A 135 1.71 -17.27 -4.20
C VAL A 135 0.74 -17.06 -3.05
N ASP A 136 -0.08 -18.07 -2.76
CA ASP A 136 -1.01 -18.03 -1.63
C ASP A 136 -0.27 -18.54 -0.40
N GLN A 137 0.43 -17.63 0.28
CA GLN A 137 1.21 -18.02 1.45
C GLN A 137 0.32 -18.53 2.59
N LEU A 138 -0.84 -17.90 2.77
CA LEU A 138 -1.71 -18.28 3.88
C LEU A 138 -2.19 -19.73 3.75
N GLN A 139 -2.55 -20.16 2.54
CA GLN A 139 -2.93 -21.54 2.36
C GLN A 139 -1.73 -22.47 2.34
N ARG A 140 -0.58 -21.96 1.89
CA ARG A 140 0.64 -22.78 1.86
C ARG A 140 1.09 -23.14 3.27
N VAL A 141 1.01 -22.20 4.21
CA VAL A 141 1.41 -22.51 5.58
C VAL A 141 0.42 -23.46 6.24
N ILE A 142 -0.88 -23.34 5.92
CA ILE A 142 -1.87 -24.22 6.51
C ILE A 142 -1.68 -25.64 6.00
N ASP A 143 -1.39 -25.80 4.71
CA ASP A 143 -1.17 -27.13 4.16
C ASP A 143 0.13 -27.74 4.68
N THR A 144 1.16 -26.91 4.86
CA THR A 144 2.43 -27.40 5.39
C THR A 144 2.26 -27.91 6.82
N ILE A 145 1.46 -27.21 7.62
CA ILE A 145 1.21 -27.66 8.99
C ILE A 145 0.45 -28.97 8.99
N LYS A 146 -0.51 -29.13 8.08
CA LYS A 146 -1.30 -30.35 8.04
C LYS A 146 -0.47 -31.57 7.68
N THR A 147 0.58 -31.38 6.88
CA THR A 147 1.34 -32.51 6.35
C THR A 147 2.74 -32.65 6.93
N ASN A 148 3.39 -31.54 7.27
CA ASN A 148 4.77 -31.57 7.79
C ASN A 148 4.90 -30.57 8.92
N PRO A 149 4.31 -30.88 10.09
CA PRO A 149 4.31 -29.89 11.19
C PRO A 149 5.69 -29.59 11.75
N ASP A 150 6.67 -30.47 11.56
CA ASP A 150 8.03 -30.22 12.02
C ASP A 150 8.83 -29.32 11.09
N ASP A 151 8.20 -28.77 10.06
CA ASP A 151 8.92 -27.98 9.08
C ASP A 151 9.35 -26.65 9.69
N ARG A 152 10.63 -26.30 9.49
CA ARG A 152 11.19 -25.05 10.00
C ARG A 152 11.17 -23.93 8.96
N ARG A 153 10.30 -24.03 7.95
CA ARG A 153 10.20 -23.03 6.91
C ARG A 153 8.79 -22.48 6.78
N ILE A 154 7.90 -22.77 7.73
CA ILE A 154 6.52 -22.30 7.69
C ILE A 154 6.49 -20.79 7.92
N ILE A 155 6.67 -20.03 6.85
CA ILE A 155 6.83 -18.58 6.92
C ILE A 155 5.83 -17.92 5.99
N MET A 156 5.19 -16.84 6.47
CA MET A 156 4.38 -15.97 5.64
C MET A 156 4.99 -14.58 5.69
N CYS A 157 5.44 -14.10 4.54
CA CYS A 157 6.18 -12.84 4.45
C CYS A 157 5.40 -11.83 3.63
N ALA A 158 5.17 -10.64 4.20
CA ALA A 158 4.47 -9.56 3.53
C ALA A 158 5.41 -8.48 3.01
N TRP A 159 6.73 -8.64 3.20
CA TRP A 159 7.70 -7.66 2.76
C TRP A 159 8.11 -7.98 1.33
N ASN A 160 7.68 -7.16 0.39
CA ASN A 160 7.98 -7.36 -1.03
C ASN A 160 8.74 -6.15 -1.56
N PRO A 161 10.07 -6.24 -1.67
CA PRO A 161 10.84 -5.07 -2.14
C PRO A 161 10.43 -4.59 -3.52
N ARG A 162 9.97 -5.48 -4.39
CA ARG A 162 9.54 -5.07 -5.73
C ARG A 162 8.26 -4.24 -5.66
N ASP A 163 7.26 -4.70 -4.91
CA ASP A 163 6.01 -3.98 -4.74
C ASP A 163 6.11 -2.85 -3.74
N LEU A 164 7.27 -2.67 -3.12
CA LEU A 164 7.41 -1.69 -2.05
C LEU A 164 7.09 -0.26 -2.48
N PRO A 165 7.59 0.26 -3.62
CA PRO A 165 7.26 1.65 -3.98
C PRO A 165 5.80 1.87 -4.34
N LEU A 166 5.02 0.82 -4.50
CA LEU A 166 3.59 0.93 -4.80
C LEU A 166 2.72 0.90 -3.56
N MET A 167 3.31 0.72 -2.38
CA MET A 167 2.55 0.59 -1.15
C MET A 167 2.32 1.95 -0.51
N ALA A 168 1.10 2.16 -0.01
CA ALA A 168 0.81 3.39 0.72
C ALA A 168 1.56 3.44 2.04
N LEU A 169 1.82 2.28 2.63
CA LEU A 169 2.63 2.19 3.84
C LEU A 169 3.32 0.83 3.85
N PRO A 170 4.64 0.78 3.93
CA PRO A 170 5.31 -0.52 3.95
C PRO A 170 4.89 -1.31 5.16
N PRO A 171 4.88 -2.65 5.06
CA PRO A 171 4.35 -3.48 6.15
C PRO A 171 5.15 -3.32 7.43
N CYS A 172 4.43 -3.05 8.52
CA CYS A 172 5.06 -2.99 9.84
C CYS A 172 5.34 -4.37 10.40
N HIS A 173 4.31 -5.22 10.44
CA HIS A 173 4.52 -6.63 10.74
C HIS A 173 4.90 -7.31 9.43
N ALA A 174 6.21 -7.41 9.21
CA ALA A 174 6.74 -7.75 7.89
C ALA A 174 6.80 -9.25 7.63
N LEU A 175 7.01 -10.06 8.67
CA LEU A 175 7.20 -11.49 8.48
C LEU A 175 6.75 -12.23 9.74
N CYS A 176 6.12 -13.38 9.54
CA CYS A 176 5.74 -14.23 10.65
C CYS A 176 6.06 -15.69 10.32
N GLN A 177 6.40 -16.45 11.35
CA GLN A 177 6.77 -17.85 11.23
C GLN A 177 5.91 -18.67 12.18
N PHE A 178 5.55 -19.88 11.75
CA PHE A 178 4.75 -20.78 12.56
C PHE A 178 5.59 -21.99 12.95
N TYR A 179 5.22 -22.58 14.10
CA TYR A 179 6.04 -23.60 14.75
C TYR A 179 5.11 -24.56 15.47
N VAL A 180 5.37 -25.86 15.30
CA VAL A 180 4.52 -26.91 15.87
C VAL A 180 5.37 -27.90 16.63
N VAL A 181 4.99 -28.19 17.86
CA VAL A 181 5.58 -29.28 18.63
C VAL A 181 4.59 -29.68 19.71
N ASN A 182 4.51 -30.99 19.95
CA ASN A 182 3.58 -31.54 20.94
C ASN A 182 2.14 -31.08 20.68
N SER A 183 1.77 -31.05 19.40
CA SER A 183 0.43 -30.64 18.97
C SER A 183 0.09 -29.22 19.43
N GLU A 184 1.10 -28.37 19.56
CA GLU A 184 0.92 -26.97 19.94
C GLU A 184 1.42 -26.10 18.80
N LEU A 185 0.58 -25.15 18.37
CA LEU A 185 0.93 -24.23 17.30
C LEU A 185 1.40 -22.92 17.90
N SER A 186 2.60 -22.50 17.51
CA SER A 186 3.18 -21.23 17.96
C SER A 186 3.46 -20.34 16.77
N CYS A 187 3.63 -19.04 17.04
CA CYS A 187 3.83 -18.05 16.00
C CYS A 187 4.74 -16.95 16.51
N GLN A 188 5.79 -16.65 15.74
CA GLN A 188 6.65 -15.51 16.02
C GLN A 188 6.47 -14.47 14.92
N LEU A 189 6.33 -13.22 15.32
CA LEU A 189 6.14 -12.11 14.39
C LEU A 189 7.33 -11.19 14.45
N TYR A 190 7.83 -10.77 13.28
CA TYR A 190 8.86 -9.75 13.20
C TYR A 190 8.23 -8.44 12.76
N GLN A 191 8.16 -7.47 13.68
CA GLN A 191 7.63 -6.16 13.39
C GLN A 191 8.80 -5.19 13.21
N ARG A 192 8.97 -4.69 11.99
CA ARG A 192 10.12 -3.83 11.69
C ARG A 192 10.06 -2.53 12.48
N SER A 193 8.86 -2.02 12.74
CA SER A 193 8.69 -0.82 13.54
C SER A 193 7.35 -0.91 14.24
N GLY A 194 7.35 -0.72 15.55
CA GLY A 194 6.14 -0.85 16.32
C GLY A 194 5.78 0.39 17.11
N ASP A 195 4.61 0.94 16.84
CA ASP A 195 4.06 2.01 17.65
C ASP A 195 3.55 1.39 18.94
N MET A 196 4.34 1.51 20.01
CA MET A 196 4.02 0.82 21.26
C MET A 196 2.71 1.29 21.85
N GLY A 197 2.33 2.54 21.61
CA GLY A 197 1.12 3.09 22.17
C GLY A 197 -0.15 2.61 21.48
N LEU A 198 -0.18 2.70 20.16
CA LEU A 198 -1.39 2.45 19.38
C LEU A 198 -1.35 1.14 18.60
N GLY A 199 -0.25 0.86 17.91
CA GLY A 199 -0.20 -0.29 17.03
C GLY A 199 0.10 -1.61 17.69
N VAL A 200 1.07 -1.60 18.62
CA VAL A 200 1.55 -2.86 19.20
C VAL A 200 0.46 -3.63 19.94
N PRO A 201 -0.34 -3.02 20.82
CA PRO A 201 -1.43 -3.80 21.44
C PRO A 201 -2.40 -4.36 20.41
N PHE A 202 -2.66 -3.59 19.36
CA PHE A 202 -3.52 -4.05 18.28
C PHE A 202 -2.89 -5.22 17.54
N ASN A 203 -1.59 -5.13 17.25
CA ASN A 203 -0.93 -6.18 16.48
C ASN A 203 -0.79 -7.47 17.27
N ILE A 204 -0.65 -7.38 18.59
CA ILE A 204 -0.51 -8.58 19.41
C ILE A 204 -1.78 -9.41 19.33
N ALA A 205 -2.94 -8.78 19.55
CA ALA A 205 -4.21 -9.50 19.44
C ALA A 205 -4.45 -9.97 18.02
N SER A 206 -3.94 -9.24 17.03
CA SER A 206 -4.16 -9.59 15.63
C SER A 206 -3.53 -10.95 15.31
N TYR A 207 -2.24 -11.11 15.59
CA TYR A 207 -1.57 -12.38 15.30
C TYR A 207 -1.90 -13.47 16.30
N ALA A 208 -2.36 -13.11 17.50
CA ALA A 208 -2.89 -14.12 18.41
C ALA A 208 -4.20 -14.69 17.88
N LEU A 209 -5.04 -13.83 17.30
CA LEU A 209 -6.28 -14.30 16.68
C LEU A 209 -5.98 -15.18 15.47
N LEU A 210 -4.98 -14.79 14.66
CA LEU A 210 -4.64 -15.58 13.49
C LEU A 210 -4.14 -16.97 13.88
N THR A 211 -3.36 -17.06 14.97
CA THR A 211 -2.89 -18.35 15.43
C THR A 211 -4.05 -19.20 15.95
N TYR A 212 -5.06 -18.56 16.55
CA TYR A 212 -6.24 -19.30 16.99
C TYR A 212 -7.02 -19.83 15.79
N MET A 213 -7.09 -19.06 14.70
CA MET A 213 -7.79 -19.52 13.51
C MET A 213 -7.10 -20.73 12.91
N ILE A 214 -5.77 -20.64 12.70
CA ILE A 214 -5.05 -21.71 12.04
C ILE A 214 -4.97 -22.95 12.93
N ALA A 215 -4.87 -22.75 14.25
CA ALA A 215 -4.87 -23.90 15.15
C ALA A 215 -6.21 -24.63 15.10
N HIS A 216 -7.31 -23.88 14.99
CA HIS A 216 -8.63 -24.49 14.89
C HIS A 216 -8.76 -25.28 13.59
N ILE A 217 -8.21 -24.74 12.50
CA ILE A 217 -8.33 -25.40 11.20
C ILE A 217 -7.49 -26.67 11.18
N THR A 218 -6.26 -26.60 11.67
CA THR A 218 -5.34 -27.73 11.68
C THR A 218 -5.53 -28.65 12.88
N GLY A 219 -6.50 -28.37 13.75
CA GLY A 219 -6.74 -29.22 14.90
C GLY A 219 -5.63 -29.24 15.92
N LEU A 220 -4.93 -28.13 16.10
CA LEU A 220 -3.85 -28.01 17.07
C LEU A 220 -4.26 -27.09 18.21
N LYS A 221 -3.50 -27.15 19.29
CA LYS A 221 -3.75 -26.30 20.45
C LYS A 221 -2.88 -25.07 20.38
N PRO A 222 -3.42 -23.87 20.62
CA PRO A 222 -2.60 -22.66 20.61
C PRO A 222 -1.51 -22.72 21.67
N GLY A 223 -0.30 -22.32 21.28
CA GLY A 223 0.85 -22.36 22.17
C GLY A 223 1.30 -20.99 22.65
N ASP A 224 2.35 -20.46 22.02
CA ASP A 224 2.90 -19.16 22.36
C ASP A 224 2.85 -18.23 21.15
N PHE A 225 2.82 -16.94 21.43
CA PHE A 225 3.02 -15.90 20.42
C PHE A 225 4.26 -15.12 20.82
N ILE A 226 5.31 -15.22 20.02
CA ILE A 226 6.56 -14.50 20.25
C ILE A 226 6.53 -13.22 19.43
N HIS A 227 6.61 -12.08 20.10
CA HIS A 227 6.56 -10.79 19.44
C HIS A 227 7.97 -10.20 19.41
N THR A 228 8.57 -10.19 18.22
CA THR A 228 9.90 -9.62 18.02
C THR A 228 9.75 -8.27 17.35
N LEU A 229 10.44 -7.26 17.88
CA LEU A 229 10.35 -5.89 17.41
C LEU A 229 11.69 -5.43 16.87
N GLY A 230 11.66 -4.64 15.81
CA GLY A 230 12.84 -3.95 15.34
C GLY A 230 12.98 -2.61 16.05
N ASP A 231 12.45 -1.56 15.43
CA ASP A 231 12.44 -0.23 16.03
C ASP A 231 11.20 -0.13 16.91
N ALA A 232 11.37 -0.45 18.20
CA ALA A 232 10.32 -0.29 19.19
C ALA A 232 10.38 1.13 19.74
N HIS A 233 9.36 1.94 19.43
CA HIS A 233 9.40 3.35 19.74
C HIS A 233 8.11 3.81 20.40
N ILE A 234 8.23 4.86 21.21
CA ILE A 234 7.10 5.53 21.84
C ILE A 234 7.10 6.96 21.35
N TYR A 235 5.99 7.37 20.72
CA TYR A 235 5.87 8.74 20.25
C TYR A 235 5.79 9.70 21.43
N LEU A 236 6.28 10.93 21.22
CA LEU A 236 6.37 11.89 22.31
C LEU A 236 4.99 12.26 22.86
N ASN A 237 3.97 12.29 22.00
CA ASN A 237 2.62 12.56 22.48
C ASN A 237 1.95 11.33 23.09
N HIS A 238 2.65 10.21 23.15
CA HIS A 238 2.17 9.00 23.81
C HIS A 238 2.82 8.78 25.16
N ILE A 239 3.77 9.63 25.55
CA ILE A 239 4.51 9.42 26.79
C ILE A 239 3.57 9.57 27.98
N GLU A 240 2.85 10.69 28.05
CA GLU A 240 1.94 10.90 29.17
C GLU A 240 0.78 9.90 29.20
N PRO A 241 0.14 9.53 28.07
CA PRO A 241 -0.87 8.46 28.15
C PRO A 241 -0.31 7.13 28.61
N LEU A 242 0.90 6.75 28.17
CA LEU A 242 1.46 5.48 28.59
C LEU A 242 1.88 5.48 30.05
N LYS A 243 2.29 6.64 30.58
CA LYS A 243 2.57 6.72 32.01
C LYS A 243 1.32 6.46 32.83
N ILE A 244 0.16 6.84 32.32
CA ILE A 244 -1.10 6.55 33.02
C ILE A 244 -1.40 5.06 32.97
N GLN A 245 -1.24 4.44 31.79
CA GLN A 245 -1.50 3.01 31.67
C GLN A 245 -0.54 2.20 32.53
N LEU A 246 0.71 2.66 32.66
CA LEU A 246 1.70 1.92 33.42
C LEU A 246 1.38 1.89 34.91
N GLN A 247 0.51 2.79 35.40
CA GLN A 247 0.10 2.81 36.79
C GLN A 247 -1.19 2.02 37.02
N ARG A 248 -1.62 1.20 36.06
CA ARG A 248 -2.84 0.43 36.19
C ARG A 248 -2.53 -1.03 36.47
N GLU A 249 -3.34 -1.66 37.30
CA GLU A 249 -3.17 -3.07 37.61
C GLU A 249 -3.80 -3.91 36.53
N PRO A 250 -3.06 -4.80 35.87
CA PRO A 250 -3.66 -5.64 34.84
C PRO A 250 -4.64 -6.63 35.45
N ARG A 251 -5.71 -6.90 34.71
CA ARG A 251 -6.74 -7.86 35.03
C ARG A 251 -6.54 -9.13 34.21
N PRO A 252 -7.19 -10.23 34.61
CA PRO A 252 -6.99 -11.49 33.87
C PRO A 252 -7.33 -11.34 32.39
N PHE A 253 -6.53 -11.98 31.53
CA PHE A 253 -6.79 -11.98 30.11
C PHE A 253 -8.14 -12.62 29.81
N PRO A 254 -8.84 -12.17 28.77
CA PRO A 254 -10.08 -12.85 28.38
C PRO A 254 -9.78 -14.17 27.69
N LYS A 255 -10.81 -14.90 27.29
CA LYS A 255 -10.65 -16.12 26.54
C LYS A 255 -11.42 -16.01 25.23
N LEU A 256 -10.89 -16.65 24.20
CA LEU A 256 -11.48 -16.63 22.87
C LEU A 256 -12.14 -17.97 22.57
N ARG A 257 -13.41 -17.91 22.18
CA ARG A 257 -14.20 -19.10 21.86
C ARG A 257 -14.61 -19.04 20.40
N ILE A 258 -14.29 -20.09 19.65
CA ILE A 258 -14.73 -20.20 18.26
C ILE A 258 -16.02 -21.01 18.24
N LEU A 259 -17.09 -20.40 17.71
CA LEU A 259 -18.44 -20.91 17.94
C LEU A 259 -18.79 -22.11 17.08
N ARG A 260 -18.25 -22.23 15.87
CA ARG A 260 -18.59 -23.33 14.99
C ARG A 260 -17.34 -23.96 14.40
N LYS A 261 -17.51 -25.17 13.88
CA LYS A 261 -16.41 -25.94 13.30
C LYS A 261 -16.14 -25.45 11.89
N VAL A 262 -15.03 -24.77 11.69
CA VAL A 262 -14.66 -24.20 10.40
C VAL A 262 -13.57 -25.07 9.77
N GLU A 263 -13.72 -25.34 8.48
CA GLU A 263 -12.81 -26.22 7.75
C GLU A 263 -11.75 -25.48 6.96
N LYS A 264 -12.07 -24.31 6.41
CA LYS A 264 -11.14 -23.52 5.62
C LYS A 264 -10.98 -22.13 6.24
N ILE A 265 -9.79 -21.56 6.08
CA ILE A 265 -9.50 -20.25 6.67
C ILE A 265 -10.40 -19.17 6.09
N ASP A 266 -10.89 -19.37 4.86
CA ASP A 266 -11.72 -18.37 4.19
C ASP A 266 -13.16 -18.37 4.66
N ASP A 267 -13.59 -19.40 5.39
CA ASP A 267 -14.97 -19.49 5.87
C ASP A 267 -15.20 -18.77 7.18
N PHE A 268 -14.16 -18.28 7.84
CA PHE A 268 -14.33 -17.61 9.12
C PHE A 268 -15.09 -16.29 8.94
N LYS A 269 -16.17 -16.14 9.70
CA LYS A 269 -16.94 -14.90 9.75
C LYS A 269 -16.71 -14.23 11.10
N ALA A 270 -17.05 -12.94 11.15
CA ALA A 270 -16.87 -12.19 12.39
C ALA A 270 -17.74 -12.73 13.51
N GLU A 271 -18.89 -13.33 13.15
CA GLU A 271 -19.79 -13.90 14.14
C GLU A 271 -19.32 -15.24 14.67
N ASP A 272 -18.17 -15.73 14.23
CA ASP A 272 -17.64 -17.00 14.71
C ASP A 272 -16.76 -16.86 15.93
N PHE A 273 -16.51 -15.64 16.38
CA PHE A 273 -15.58 -15.39 17.46
C PHE A 273 -16.28 -14.65 18.60
N GLN A 274 -15.96 -15.07 19.82
CA GLN A 274 -16.55 -14.50 21.04
C GLN A 274 -15.48 -14.36 22.10
N ILE A 275 -15.27 -13.13 22.55
CA ILE A 275 -14.33 -12.83 23.63
C ILE A 275 -15.10 -12.85 24.94
N GLU A 276 -14.67 -13.70 25.87
CA GLU A 276 -15.35 -13.87 27.15
C GLU A 276 -14.45 -13.47 28.30
N GLY A 277 -15.02 -12.76 29.27
CA GLY A 277 -14.29 -12.37 30.46
C GLY A 277 -13.34 -11.20 30.26
N TYR A 278 -13.69 -10.28 29.36
CA TYR A 278 -12.84 -9.12 29.05
C TYR A 278 -13.37 -7.92 29.81
N ASN A 279 -12.63 -7.47 30.82
CA ASN A 279 -13.00 -6.34 31.67
C ASN A 279 -11.82 -5.38 31.72
N PRO A 280 -11.59 -4.61 30.66
CA PRO A 280 -10.41 -3.76 30.61
C PRO A 280 -10.62 -2.43 31.33
N HIS A 281 -9.51 -1.74 31.56
CA HIS A 281 -9.54 -0.38 32.06
C HIS A 281 -10.08 0.55 30.98
N PRO A 282 -10.49 1.77 31.34
CA PRO A 282 -11.01 2.71 30.33
C PRO A 282 -10.00 2.96 29.22
N THR A 283 -10.53 3.22 28.03
CA THR A 283 -9.68 3.43 26.86
C THR A 283 -8.86 4.70 27.01
N ILE A 284 -7.64 4.66 26.46
CA ILE A 284 -6.74 5.80 26.46
C ILE A 284 -6.57 6.27 25.03
N LYS A 285 -6.96 7.52 24.76
CA LYS A 285 -6.86 8.07 23.42
C LYS A 285 -5.40 8.37 23.09
N MET A 286 -4.89 7.73 22.04
CA MET A 286 -3.54 7.97 21.54
C MET A 286 -3.64 8.22 20.04
N GLU A 287 -3.32 9.44 19.62
CA GLU A 287 -3.53 9.82 18.23
C GLU A 287 -2.50 9.17 17.31
N MET A 288 -2.96 8.77 16.13
CA MET A 288 -2.08 8.16 15.15
C MET A 288 -1.16 9.22 14.53
N ALA A 289 0.11 8.86 14.38
CA ALA A 289 1.07 9.71 13.69
C ALA A 289 0.99 9.47 12.19
N VAL A 290 1.06 10.55 11.43
CA VAL A 290 1.02 10.46 9.97
C VAL A 290 1.68 11.69 9.35
N PRO B 2 30.45 -9.18 34.68
CA PRO B 2 29.36 -8.53 33.95
C PRO B 2 29.06 -9.18 32.60
N VAL B 3 27.81 -9.63 32.42
CA VAL B 3 27.40 -10.33 31.19
C VAL B 3 27.47 -9.36 30.02
N ALA B 4 26.53 -8.42 29.97
CA ALA B 4 26.37 -7.48 28.86
C ALA B 4 26.15 -8.22 27.54
N GLY B 5 26.45 -7.56 26.42
CA GLY B 5 26.26 -8.15 25.12
C GLY B 5 27.50 -8.85 24.60
N SER B 6 27.78 -10.04 25.12
CA SER B 6 29.04 -10.72 24.85
C SER B 6 28.78 -12.19 24.49
N GLU B 7 29.83 -12.99 24.56
CA GLU B 7 29.73 -14.42 24.27
C GLU B 7 28.95 -15.17 25.34
N LEU B 8 28.81 -14.60 26.54
CA LEU B 8 28.05 -15.28 27.58
C LEU B 8 26.59 -15.49 27.16
N GLN B 9 26.07 -14.61 26.31
CA GLN B 9 24.69 -14.76 25.84
C GLN B 9 24.53 -16.01 24.98
N TYR B 10 25.49 -16.28 24.09
CA TYR B 10 25.43 -17.49 23.29
C TYR B 10 25.51 -18.73 24.18
N LEU B 11 26.45 -18.75 25.11
CA LEU B 11 26.55 -19.87 26.04
C LEU B 11 25.30 -20.00 26.88
N GLY B 12 24.68 -18.87 27.24
CA GLY B 12 23.43 -18.93 27.97
C GLY B 12 22.31 -19.54 27.15
N GLN B 13 22.29 -19.26 25.84
CA GLN B 13 21.28 -19.86 24.98
C GLN B 13 21.51 -21.37 24.86
N ILE B 14 22.78 -21.79 24.79
CA ILE B 14 23.09 -23.21 24.75
C ILE B 14 22.57 -23.90 26.01
N GLN B 15 22.81 -23.29 27.16
CA GLN B 15 22.35 -23.85 28.43
C GLN B 15 20.83 -23.93 28.48
N HIS B 16 20.15 -22.88 28.01
CA HIS B 16 18.69 -22.86 28.10
C HIS B 16 18.06 -23.93 27.22
N ILE B 17 18.65 -24.20 26.04
CA ILE B 17 18.11 -25.24 25.18
C ILE B 17 18.34 -26.61 25.78
N LEU B 18 19.51 -26.82 26.40
CA LEU B 18 19.78 -28.09 27.06
C LEU B 18 18.80 -28.36 28.20
N ARG B 19 18.36 -27.31 28.88
CA ARG B 19 17.51 -27.46 30.07
C ARG B 19 16.02 -27.35 29.76
N CYS B 20 15.64 -26.59 28.74
CA CYS B 20 14.22 -26.37 28.47
C CYS B 20 13.81 -26.74 27.05
N GLY B 21 14.71 -27.26 26.23
CA GLY B 21 14.36 -27.60 24.86
C GLY B 21 13.63 -28.92 24.77
N VAL B 22 12.57 -28.94 23.98
CA VAL B 22 11.76 -30.15 23.79
C VAL B 22 12.32 -30.92 22.60
N ARG B 23 12.11 -32.24 22.62
CA ARG B 23 12.52 -33.06 21.47
C ARG B 23 11.64 -32.73 20.28
N LYS B 24 12.27 -32.58 19.11
CA LYS B 24 11.55 -32.24 17.89
C LYS B 24 12.33 -32.78 16.71
N ASP B 25 11.71 -33.67 15.97
CA ASP B 25 12.33 -34.19 14.75
C ASP B 25 12.29 -33.11 13.68
N ASP B 26 13.18 -33.23 12.70
CA ASP B 26 13.24 -32.25 11.63
C ASP B 26 13.35 -32.96 10.29
N ARG B 27 13.65 -32.19 9.24
CA ARG B 27 13.74 -32.73 7.89
C ARG B 27 14.87 -33.74 7.76
N THR B 28 15.96 -33.53 8.49
CA THR B 28 17.08 -34.46 8.45
C THR B 28 16.75 -35.68 9.32
N GLY B 29 17.52 -36.75 9.11
CA GLY B 29 17.30 -37.97 9.86
C GLY B 29 17.58 -37.84 11.34
N THR B 30 18.34 -36.83 11.75
CA THR B 30 18.68 -36.63 13.14
C THR B 30 17.57 -35.87 13.87
N GLY B 31 17.63 -35.91 15.19
CA GLY B 31 16.71 -35.16 16.03
C GLY B 31 17.33 -33.88 16.54
N THR B 32 16.49 -33.06 17.19
CA THR B 32 16.95 -31.83 17.82
C THR B 32 16.26 -31.66 19.16
N LEU B 33 16.90 -30.88 20.04
CA LEU B 33 16.24 -30.26 21.18
C LEU B 33 15.98 -28.81 20.80
N SER B 34 14.71 -28.43 20.74
CA SER B 34 14.30 -27.19 20.09
C SER B 34 13.61 -26.24 21.06
N VAL B 35 13.89 -24.95 20.88
CA VAL B 35 13.18 -23.87 21.53
C VAL B 35 12.82 -22.84 20.46
N PHE B 36 11.59 -22.34 20.50
CA PHE B 36 11.08 -21.43 19.48
C PHE B 36 11.01 -20.02 20.04
N GLY B 37 11.79 -19.11 19.46
CA GLY B 37 11.80 -17.73 19.87
C GLY B 37 12.91 -17.42 20.85
N MET B 38 14.04 -16.93 20.35
CA MET B 38 15.15 -16.50 21.19
C MET B 38 15.75 -15.22 20.60
N GLN B 39 16.46 -14.48 21.44
CA GLN B 39 17.08 -13.24 21.00
C GLN B 39 18.31 -12.95 21.85
N ALA B 40 19.42 -12.63 21.17
CA ALA B 40 20.66 -12.28 21.82
C ALA B 40 21.20 -10.99 21.22
N ARG B 41 22.06 -10.32 21.99
CA ARG B 41 22.64 -9.04 21.60
C ARG B 41 24.16 -9.15 21.71
N TYR B 42 24.86 -8.79 20.63
CA TYR B 42 26.32 -8.87 20.55
C TYR B 42 26.88 -7.51 20.22
N SER B 43 27.77 -7.01 21.06
CA SER B 43 28.36 -5.69 20.87
C SER B 43 29.36 -5.70 19.72
N LEU B 44 29.36 -4.62 18.95
CA LEU B 44 30.30 -4.42 17.85
C LEU B 44 31.25 -3.26 18.09
N ARG B 45 31.25 -2.68 19.29
CA ARG B 45 32.01 -1.47 19.58
C ARG B 45 33.44 -1.84 19.95
N ASP B 46 34.39 -1.51 19.08
CA ASP B 46 35.81 -1.77 19.27
C ASP B 46 36.10 -3.25 19.48
N GLU B 47 35.22 -4.11 18.98
CA GLU B 47 35.43 -5.55 19.07
C GLU B 47 34.55 -6.24 18.02
N PHE B 48 34.90 -7.47 17.71
CA PHE B 48 34.16 -8.25 16.71
C PHE B 48 33.74 -9.57 17.33
N PRO B 49 32.45 -9.92 17.29
CA PRO B 49 31.95 -11.11 18.01
C PRO B 49 32.28 -12.41 17.28
N LEU B 50 33.57 -12.72 17.19
CA LEU B 50 34.03 -14.02 16.75
C LEU B 50 34.20 -14.89 17.99
N LEU B 51 33.37 -15.92 18.12
CA LEU B 51 33.31 -16.68 19.36
C LEU B 51 34.65 -17.34 19.67
N THR B 52 34.99 -17.38 20.96
CA THR B 52 36.28 -17.91 21.41
C THR B 52 36.19 -19.28 22.07
N THR B 53 35.02 -19.70 22.56
CA THR B 53 34.91 -21.03 23.15
C THR B 53 35.00 -22.14 22.11
N LYS B 54 35.07 -21.80 20.82
CA LYS B 54 35.25 -22.76 19.74
C LYS B 54 35.71 -21.99 18.50
N ARG B 55 36.73 -22.51 17.82
CA ARG B 55 37.29 -21.85 16.65
C ARG B 55 36.25 -21.75 15.54
N VAL B 56 36.05 -20.54 15.03
CA VAL B 56 35.07 -20.25 13.99
C VAL B 56 35.77 -20.18 12.64
N PHE B 57 35.17 -20.80 11.62
CA PHE B 57 35.69 -20.80 10.25
C PHE B 57 35.59 -19.40 9.69
N TRP B 58 36.55 -18.55 10.06
CA TRP B 58 36.51 -17.15 9.65
C TRP B 58 36.70 -17.00 8.15
N LYS B 59 37.59 -17.79 7.55
CA LYS B 59 37.78 -17.72 6.10
C LYS B 59 36.48 -18.01 5.36
N GLY B 60 35.69 -18.95 5.86
CA GLY B 60 34.39 -19.20 5.26
C GLY B 60 33.42 -18.05 5.44
N VAL B 61 33.48 -17.41 6.61
CA VAL B 61 32.59 -16.26 6.87
C VAL B 61 32.90 -15.14 5.88
N LEU B 62 34.17 -14.81 5.71
CA LEU B 62 34.56 -13.69 4.86
C LEU B 62 34.28 -13.99 3.40
N GLU B 63 34.65 -15.19 2.94
CA GLU B 63 34.46 -15.53 1.53
C GLU B 63 32.98 -15.66 1.18
N GLU B 64 32.18 -16.20 2.09
CA GLU B 64 30.75 -16.38 1.79
C GLU B 64 30.03 -15.04 1.70
N LEU B 65 30.40 -14.09 2.55
CA LEU B 65 29.76 -12.77 2.49
C LEU B 65 30.13 -12.05 1.20
N LEU B 66 31.41 -12.10 0.81
CA LEU B 66 31.82 -11.56 -0.48
C LEU B 66 31.13 -12.29 -1.63
N TRP B 67 30.89 -13.60 -1.45
CA TRP B 67 30.14 -14.36 -2.44
C TRP B 67 28.68 -13.92 -2.51
N PHE B 68 28.10 -13.50 -1.38
CA PHE B 68 26.75 -12.94 -1.40
C PHE B 68 26.73 -11.58 -2.08
N ILE B 69 27.72 -10.72 -1.77
CA ILE B 69 27.71 -9.35 -2.26
C ILE B 69 27.84 -9.31 -3.77
N LYS B 70 28.64 -10.20 -4.34
CA LYS B 70 28.82 -10.27 -5.79
C LYS B 70 27.57 -10.74 -6.52
N GLY B 71 26.52 -11.15 -5.81
CA GLY B 71 25.32 -11.64 -6.44
C GLY B 71 25.40 -13.05 -6.97
N SER B 72 26.43 -13.80 -6.60
CA SER B 72 26.64 -15.13 -7.15
C SER B 72 25.68 -16.14 -6.55
N THR B 73 25.18 -17.04 -7.40
CA THR B 73 24.38 -18.17 -6.98
C THR B 73 25.05 -19.48 -7.39
N ASN B 74 26.37 -19.45 -7.59
CA ASN B 74 27.14 -20.59 -8.06
C ASN B 74 27.96 -21.13 -6.89
N ALA B 75 27.64 -22.36 -6.47
CA ALA B 75 28.38 -22.97 -5.37
C ALA B 75 29.84 -23.21 -5.75
N LYS B 76 30.12 -23.46 -7.03
CA LYS B 76 31.49 -23.64 -7.47
C LYS B 76 32.31 -22.36 -7.30
N GLU B 77 31.67 -21.20 -7.46
CA GLU B 77 32.39 -19.94 -7.30
C GLU B 77 32.89 -19.77 -5.87
N LEU B 78 32.09 -20.19 -4.89
CA LEU B 78 32.54 -20.15 -3.51
C LEU B 78 33.47 -21.31 -3.19
N SER B 79 33.22 -22.47 -3.79
CA SER B 79 34.08 -23.64 -3.54
C SER B 79 35.49 -23.41 -4.05
N SER B 80 35.65 -22.62 -5.11
CA SER B 80 36.98 -22.33 -5.64
C SER B 80 37.82 -21.50 -4.69
N LYS B 81 37.18 -20.84 -3.71
CA LYS B 81 37.89 -20.07 -2.70
C LYS B 81 38.24 -20.88 -1.46
N GLY B 82 37.93 -22.18 -1.45
CA GLY B 82 38.23 -23.03 -0.31
C GLY B 82 37.08 -23.23 0.66
N VAL B 83 35.90 -22.67 0.37
CA VAL B 83 34.74 -22.77 1.25
C VAL B 83 33.75 -23.69 0.55
N LYS B 84 33.64 -24.93 1.04
CA LYS B 84 32.82 -25.96 0.41
C LYS B 84 31.49 -26.16 1.12
N ILE B 85 31.00 -25.14 1.82
CA ILE B 85 29.79 -25.30 2.64
C ILE B 85 28.54 -25.41 1.78
N TRP B 86 28.57 -24.92 0.55
CA TRP B 86 27.42 -24.96 -0.35
C TRP B 86 27.53 -26.03 -1.42
N ASP B 87 28.58 -26.85 -1.40
CA ASP B 87 28.78 -27.83 -2.46
C ASP B 87 27.73 -28.94 -2.43
N ALA B 88 27.21 -29.27 -1.24
CA ALA B 88 26.23 -30.35 -1.16
C ALA B 88 24.92 -29.96 -1.81
N ASN B 89 24.51 -28.70 -1.65
CA ASN B 89 23.24 -28.24 -2.20
C ASN B 89 23.30 -27.96 -3.69
N GLY B 90 24.49 -27.92 -4.29
CA GLY B 90 24.64 -27.75 -5.72
C GLY B 90 25.09 -28.97 -6.48
N SER B 91 25.22 -30.12 -5.84
CA SER B 91 25.70 -31.32 -6.52
C SER B 91 24.67 -31.83 -7.52
N ARG B 92 25.14 -32.67 -8.45
CA ARG B 92 24.25 -33.21 -9.47
C ARG B 92 23.19 -34.12 -8.87
N ASP B 93 23.57 -34.96 -7.91
CA ASP B 93 22.61 -35.85 -7.28
C ASP B 93 21.54 -35.06 -6.54
N PHE B 94 21.94 -33.99 -5.86
CA PHE B 94 20.99 -33.22 -5.06
C PHE B 94 20.06 -32.40 -5.93
N LEU B 95 20.57 -31.78 -7.00
CA LEU B 95 19.70 -31.01 -7.89
C LEU B 95 18.65 -31.89 -8.54
N ASP B 96 18.98 -33.15 -8.85
CA ASP B 96 18.00 -34.06 -9.43
C ASP B 96 16.94 -34.47 -8.41
N SER B 97 17.33 -34.61 -7.14
CA SER B 97 16.36 -34.99 -6.11
C SER B 97 15.29 -33.93 -5.91
N LEU B 98 15.58 -32.68 -6.28
CA LEU B 98 14.60 -31.59 -6.21
C LEU B 98 13.88 -31.37 -7.53
N GLY B 99 14.25 -32.10 -8.58
CA GLY B 99 13.62 -31.93 -9.88
C GLY B 99 14.34 -30.98 -10.82
N PHE B 100 15.56 -30.56 -10.49
CA PHE B 100 16.31 -29.64 -11.35
C PHE B 100 17.29 -30.43 -12.22
N SER B 101 16.72 -31.23 -13.11
CA SER B 101 17.54 -32.10 -13.96
C SER B 101 18.27 -31.32 -15.04
N THR B 102 17.74 -30.16 -15.44
CA THR B 102 18.33 -29.36 -16.51
C THR B 102 19.32 -28.31 -15.99
N ARG B 103 19.61 -28.31 -14.69
CA ARG B 103 20.54 -27.34 -14.11
C ARG B 103 21.95 -27.90 -14.07
N GLU B 104 22.92 -27.06 -14.40
CA GLU B 104 24.33 -27.43 -14.25
C GLU B 104 24.69 -27.54 -12.78
N GLU B 105 25.62 -28.44 -12.48
CA GLU B 105 26.03 -28.66 -11.10
C GLU B 105 26.61 -27.39 -10.51
N GLY B 106 26.08 -27.00 -9.34
CA GLY B 106 26.48 -25.78 -8.67
C GLY B 106 25.48 -24.66 -8.77
N ASP B 107 24.46 -24.79 -9.61
CA ASP B 107 23.43 -23.76 -9.77
C ASP B 107 22.44 -23.90 -8.61
N LEU B 108 22.64 -23.07 -7.57
CA LEU B 108 21.79 -23.11 -6.39
C LEU B 108 20.44 -22.45 -6.59
N GLY B 109 20.20 -21.79 -7.73
CA GLY B 109 18.96 -21.11 -7.96
C GLY B 109 18.97 -19.70 -7.40
N PRO B 110 17.82 -19.04 -7.39
CA PRO B 110 17.75 -17.67 -6.86
C PRO B 110 17.88 -17.63 -5.34
N VAL B 111 19.10 -17.51 -4.85
CA VAL B 111 19.36 -17.55 -3.41
C VAL B 111 19.85 -16.18 -2.97
N TYR B 112 20.55 -16.12 -1.82
CA TYR B 112 20.91 -14.86 -1.19
C TYR B 112 21.50 -13.85 -2.19
N GLY B 113 22.49 -14.29 -2.98
CA GLY B 113 23.14 -13.36 -3.88
C GLY B 113 22.18 -12.78 -4.91
N PHE B 114 21.23 -13.59 -5.37
CA PHE B 114 20.25 -13.10 -6.33
C PHE B 114 19.23 -12.19 -5.65
N GLN B 115 18.75 -12.58 -4.47
CA GLN B 115 17.71 -11.81 -3.80
C GLN B 115 18.24 -10.50 -3.23
N TRP B 116 19.50 -10.47 -2.81
CA TRP B 116 20.08 -9.25 -2.27
C TRP B 116 20.25 -8.18 -3.35
N ARG B 117 20.55 -8.60 -4.59
CA ARG B 117 20.92 -7.68 -5.65
C ARG B 117 19.89 -7.55 -6.76
N HIS B 118 19.06 -8.56 -6.98
CA HIS B 118 18.09 -8.53 -8.08
C HIS B 118 16.77 -9.15 -7.63
N PHE B 119 16.24 -8.67 -6.51
CA PHE B 119 15.00 -9.21 -5.99
C PHE B 119 13.85 -8.90 -6.94
N GLY B 120 13.09 -9.93 -7.30
CA GLY B 120 11.97 -9.77 -8.20
C GLY B 120 12.29 -10.00 -9.66
N ALA B 121 13.57 -10.19 -10.01
CA ALA B 121 13.95 -10.47 -11.39
C ALA B 121 13.66 -11.91 -11.75
N GLU B 122 13.44 -12.15 -13.04
CA GLU B 122 13.17 -13.51 -13.54
C GLU B 122 14.49 -14.27 -13.61
N TYR B 123 14.63 -15.27 -12.75
CA TYR B 123 15.86 -16.04 -12.68
C TYR B 123 15.93 -17.06 -13.81
N ARG B 124 17.07 -17.10 -14.50
CA ARG B 124 17.31 -18.09 -15.54
C ARG B 124 18.27 -19.17 -15.02
N ASP B 125 19.55 -18.82 -14.96
CA ASP B 125 20.56 -19.72 -14.41
C ASP B 125 21.63 -18.87 -13.72
N MET B 126 22.70 -19.53 -13.27
CA MET B 126 23.75 -18.84 -12.52
C MET B 126 24.69 -18.03 -13.41
N GLU B 127 24.77 -18.35 -14.70
CA GLU B 127 25.66 -17.65 -15.61
C GLU B 127 24.98 -16.51 -16.35
N SER B 128 23.75 -16.16 -15.96
CA SER B 128 23.03 -15.09 -16.64
C SER B 128 23.45 -13.73 -16.13
N ASP B 129 23.22 -12.71 -16.95
CA ASP B 129 23.49 -11.32 -16.58
C ASP B 129 22.17 -10.67 -16.19
N TYR B 130 22.07 -10.23 -14.94
CA TYR B 130 20.86 -9.61 -14.42
C TYR B 130 21.05 -8.12 -14.19
N SER B 131 21.95 -7.49 -14.94
CA SER B 131 22.20 -6.07 -14.80
C SER B 131 20.95 -5.27 -15.14
N GLY B 132 20.56 -4.37 -14.23
CA GLY B 132 19.37 -3.58 -14.42
C GLY B 132 18.07 -4.26 -14.03
N GLN B 133 18.10 -5.54 -13.70
CA GLN B 133 16.91 -6.29 -13.33
C GLN B 133 16.83 -6.46 -11.82
N GLY B 134 15.61 -6.38 -11.28
CA GLY B 134 15.40 -6.62 -9.87
C GLY B 134 15.75 -5.43 -9.01
N VAL B 135 15.52 -5.61 -7.70
CA VAL B 135 15.77 -4.58 -6.70
C VAL B 135 17.12 -4.85 -6.06
N ASP B 136 18.00 -3.85 -6.06
CA ASP B 136 19.30 -3.95 -5.42
C ASP B 136 19.12 -3.51 -3.97
N GLN B 137 18.73 -4.46 -3.11
CA GLN B 137 18.49 -4.15 -1.71
C GLN B 137 19.79 -3.74 -1.01
N LEU B 138 20.89 -4.41 -1.35
CA LEU B 138 22.16 -4.13 -0.66
C LEU B 138 22.61 -2.69 -0.89
N GLN B 139 22.44 -2.18 -2.12
CA GLN B 139 22.77 -0.79 -2.38
C GLN B 139 21.69 0.15 -1.84
N ARG B 140 20.44 -0.30 -1.81
CA ARG B 140 19.37 0.55 -1.29
C ARG B 140 19.52 0.82 0.20
N VAL B 141 19.95 -0.18 0.96
CA VAL B 141 20.14 0.05 2.39
C VAL B 141 21.33 0.96 2.63
N ILE B 142 22.37 0.85 1.79
CA ILE B 142 23.52 1.72 1.95
C ILE B 142 23.15 3.16 1.62
N ASP B 143 22.35 3.36 0.56
CA ASP B 143 21.93 4.72 0.21
C ASP B 143 20.96 5.29 1.23
N THR B 144 20.07 4.46 1.77
CA THR B 144 19.12 4.92 2.77
C THR B 144 19.82 5.36 4.04
N ILE B 145 20.86 4.63 4.46
CA ILE B 145 21.59 4.99 5.66
C ILE B 145 22.32 6.31 5.48
N LYS B 146 22.90 6.54 4.31
CA LYS B 146 23.66 7.76 4.06
C LYS B 146 22.77 9.00 4.04
N THR B 147 21.52 8.87 3.58
CA THR B 147 20.67 10.03 3.33
C THR B 147 19.51 10.15 4.30
N ASN B 148 18.95 9.04 4.79
CA ASN B 148 17.81 9.07 5.69
C ASN B 148 18.04 8.06 6.81
N PRO B 149 18.99 8.35 7.71
CA PRO B 149 19.37 7.35 8.72
C PRO B 149 18.28 7.04 9.75
N ASP B 150 17.31 7.92 9.94
CA ASP B 150 16.21 7.66 10.87
C ASP B 150 15.11 6.81 10.26
N ASP B 151 15.29 6.29 9.05
CA ASP B 151 14.26 5.53 8.39
C ASP B 151 14.09 4.17 9.06
N ARG B 152 12.84 3.79 9.33
CA ARG B 152 12.51 2.53 9.97
C ARG B 152 12.19 1.42 8.98
N ARG B 153 12.67 1.52 7.74
CA ARG B 153 12.40 0.53 6.72
C ARG B 153 13.68 -0.03 6.10
N ILE B 154 14.84 0.24 6.69
CA ILE B 154 16.11 -0.23 6.15
C ILE B 154 16.16 -1.74 6.29
N ILE B 155 15.60 -2.45 5.32
CA ILE B 155 15.43 -3.90 5.39
C ILE B 155 16.02 -4.53 4.14
N MET B 156 16.77 -5.62 4.33
CA MET B 156 17.22 -6.47 3.24
C MET B 156 16.63 -7.86 3.49
N CYS B 157 15.75 -8.29 2.60
CA CYS B 157 14.98 -9.52 2.77
C CYS B 157 15.36 -10.53 1.70
N ALA B 158 15.74 -11.74 2.13
CA ALA B 158 16.09 -12.80 1.21
C ALA B 158 15.00 -13.84 1.05
N TRP B 159 13.87 -13.69 1.74
CA TRP B 159 12.78 -14.66 1.66
C TRP B 159 11.87 -14.25 0.52
N ASN B 160 11.90 -15.02 -0.57
CA ASN B 160 11.11 -14.75 -1.76
C ASN B 160 10.17 -15.92 -2.02
N PRO B 161 8.90 -15.81 -1.62
CA PRO B 161 7.96 -16.93 -1.83
C PRO B 161 7.79 -17.33 -3.29
N ARG B 162 7.91 -16.39 -4.23
CA ARG B 162 7.79 -16.73 -5.64
C ARG B 162 8.98 -17.55 -6.11
N ASP B 163 10.19 -17.11 -5.79
CA ASP B 163 11.40 -17.82 -6.17
C ASP B 163 11.72 -18.99 -5.25
N LEU B 164 10.91 -19.21 -4.23
CA LEU B 164 11.21 -20.24 -3.23
C LEU B 164 11.31 -21.64 -3.83
N PRO B 165 10.39 -22.11 -4.68
CA PRO B 165 10.52 -23.49 -5.21
C PRO B 165 11.70 -23.69 -6.14
N LEU B 166 12.37 -22.63 -6.57
CA LEU B 166 13.54 -22.75 -7.45
C LEU B 166 14.86 -22.77 -6.68
N MET B 167 14.82 -22.64 -5.35
CA MET B 167 16.03 -22.57 -4.54
C MET B 167 16.48 -23.96 -4.09
N ALA B 168 17.79 -24.18 -4.13
CA ALA B 168 18.34 -25.42 -3.60
C ALA B 168 18.17 -25.50 -2.08
N LEU B 169 18.12 -24.36 -1.41
CA LEU B 169 17.87 -24.29 0.03
C LEU B 169 17.17 -22.98 0.38
N PRO B 170 16.00 -23.03 1.02
CA PRO B 170 15.35 -21.79 1.43
C PRO B 170 16.19 -21.05 2.44
N PRO B 171 16.15 -19.72 2.43
CA PRO B 171 17.03 -18.94 3.30
C PRO B 171 16.76 -19.16 4.77
N CYS B 172 17.83 -19.45 5.52
CA CYS B 172 17.70 -19.55 6.99
C CYS B 172 17.69 -18.15 7.61
N HIS B 173 18.68 -17.33 7.30
CA HIS B 173 18.66 -15.92 7.67
C HIS B 173 17.91 -15.18 6.58
N ALA B 174 16.60 -15.03 6.78
CA ALA B 174 15.67 -14.57 5.76
C ALA B 174 15.57 -13.05 5.66
N LEU B 175 15.76 -12.35 6.77
CA LEU B 175 15.56 -10.90 6.78
C LEU B 175 16.44 -10.27 7.83
N CYS B 176 17.00 -9.11 7.50
CA CYS B 176 17.77 -8.32 8.45
C CYS B 176 17.39 -6.85 8.31
N GLN B 177 17.43 -6.13 9.42
CA GLN B 177 17.06 -4.72 9.47
C GLN B 177 18.20 -3.93 10.08
N PHE B 178 18.41 -2.72 9.58
CA PHE B 178 19.46 -1.84 10.07
C PHE B 178 18.87 -0.64 10.78
N TYR B 179 19.66 -0.09 11.70
CA TYR B 179 19.19 0.92 12.63
C TYR B 179 20.34 1.86 12.94
N VAL B 180 20.06 3.17 12.92
CA VAL B 180 21.08 4.18 13.12
C VAL B 180 20.62 5.16 14.19
N VAL B 181 21.47 5.38 15.18
CA VAL B 181 21.25 6.43 16.18
C VAL B 181 22.60 6.79 16.78
N ASN B 182 22.79 8.08 17.04
CA ASN B 182 24.05 8.61 17.58
C ASN B 182 25.24 8.17 16.73
N SER B 183 25.06 8.20 15.41
CA SER B 183 26.09 7.80 14.45
C SER B 183 26.56 6.37 14.69
N GLU B 184 25.68 5.51 15.21
CA GLU B 184 25.98 4.11 15.45
C GLU B 184 25.06 3.24 14.60
N LEU B 185 25.66 2.32 13.86
CA LEU B 185 24.92 1.42 13.00
C LEU B 185 24.73 0.07 13.70
N SER B 186 23.49 -0.36 13.83
CA SER B 186 23.15 -1.65 14.40
C SER B 186 22.37 -2.47 13.39
N CYS B 187 22.28 -3.78 13.64
CA CYS B 187 21.65 -4.69 12.71
C CYS B 187 20.98 -5.83 13.47
N GLN B 188 19.72 -6.08 13.16
CA GLN B 188 18.99 -7.23 13.70
C GLN B 188 18.71 -8.21 12.57
N LEU B 189 18.96 -9.49 12.84
CA LEU B 189 18.75 -10.56 11.88
C LEU B 189 17.63 -11.48 12.35
N TYR B 190 16.74 -11.86 11.44
CA TYR B 190 15.74 -12.88 11.72
C TYR B 190 16.17 -14.18 11.05
N GLN B 191 16.59 -15.14 11.87
CA GLN B 191 16.98 -16.47 11.41
C GLN B 191 15.85 -17.44 11.73
N ARG B 192 15.21 -17.97 10.68
CA ARG B 192 14.05 -18.84 10.90
C ARG B 192 14.42 -20.12 11.62
N SER B 193 15.63 -20.65 11.40
CA SER B 193 16.09 -21.83 12.09
C SER B 193 17.60 -21.78 12.22
N GLY B 194 18.09 -21.96 13.44
CA GLY B 194 19.51 -21.85 13.70
C GLY B 194 20.11 -23.07 14.36
N ASP B 195 21.09 -23.68 13.71
CA ASP B 195 21.88 -24.76 14.29
C ASP B 195 22.85 -24.15 15.29
N MET B 196 22.52 -24.26 16.58
CA MET B 196 23.32 -23.60 17.62
C MET B 196 24.75 -24.12 17.65
N GLY B 197 24.96 -25.37 17.25
CA GLY B 197 26.30 -25.95 17.31
C GLY B 197 27.24 -25.46 16.22
N LEU B 198 26.79 -25.52 14.97
CA LEU B 198 27.63 -25.22 13.81
C LEU B 198 27.26 -23.92 13.11
N GLY B 199 25.98 -23.67 12.89
CA GLY B 199 25.57 -22.53 12.09
C GLY B 199 25.56 -21.21 12.83
N VAL B 200 25.03 -21.19 14.05
CA VAL B 200 24.81 -19.93 14.75
C VAL B 200 26.10 -19.15 14.98
N PRO B 201 27.19 -19.75 15.47
CA PRO B 201 28.44 -18.97 15.56
C PRO B 201 28.91 -18.46 14.22
N PHE B 202 28.72 -19.24 13.15
CA PHE B 202 29.09 -18.79 11.82
C PHE B 202 28.23 -17.60 11.39
N ASN B 203 26.93 -17.66 11.66
CA ASN B 203 26.03 -16.60 11.22
C ASN B 203 26.22 -15.31 12.01
N ILE B 204 26.62 -15.41 13.28
CA ILE B 204 26.83 -14.20 14.08
C ILE B 204 27.97 -13.37 13.51
N ALA B 205 29.11 -14.00 13.25
CA ALA B 205 30.24 -13.29 12.65
C ALA B 205 29.92 -12.82 11.24
N SER B 206 29.05 -13.54 10.53
CA SER B 206 28.72 -13.17 9.16
C SER B 206 28.04 -11.81 9.11
N TYR B 207 26.95 -11.65 9.86
CA TYR B 207 26.21 -10.39 9.85
C TYR B 207 26.87 -9.30 10.68
N ALA B 208 27.77 -9.66 11.61
CA ALA B 208 28.59 -8.64 12.25
C ALA B 208 29.60 -8.06 11.26
N LEU B 209 30.16 -8.91 10.39
CA LEU B 209 31.06 -8.44 9.36
C LEU B 209 30.34 -7.55 8.35
N LEU B 210 29.11 -7.91 8.00
CA LEU B 210 28.33 -7.08 7.07
C LEU B 210 28.08 -5.71 7.67
N THR B 211 27.80 -5.65 8.97
CA THR B 211 27.62 -4.36 9.63
C THR B 211 28.90 -3.55 9.64
N TYR B 212 30.06 -4.20 9.76
CA TYR B 212 31.32 -3.50 9.69
C TYR B 212 31.57 -2.93 8.29
N MET B 213 31.18 -3.68 7.26
CA MET B 213 31.34 -3.20 5.89
C MET B 213 30.48 -1.97 5.63
N ILE B 214 29.20 -2.04 5.98
CA ILE B 214 28.30 -0.92 5.70
C ILE B 214 28.63 0.29 6.56
N ALA B 215 29.07 0.06 7.80
CA ALA B 215 29.48 1.17 8.65
C ALA B 215 30.71 1.86 8.08
N HIS B 216 31.64 1.09 7.53
CA HIS B 216 32.85 1.67 6.95
C HIS B 216 32.52 2.53 5.74
N ILE B 217 31.57 2.08 4.91
CA ILE B 217 31.20 2.85 3.72
C ILE B 217 30.39 4.08 4.10
N THR B 218 29.45 3.93 5.02
CA THR B 218 28.59 5.04 5.41
C THR B 218 29.21 5.93 6.46
N GLY B 219 30.46 5.66 6.87
CA GLY B 219 31.12 6.49 7.86
C GLY B 219 30.49 6.48 9.23
N LEU B 220 29.90 5.35 9.63
CA LEU B 220 29.27 5.21 10.93
C LEU B 220 30.09 4.25 11.80
N LYS B 221 29.78 4.26 13.10
CA LYS B 221 30.45 3.38 14.04
C LYS B 221 29.60 2.14 14.28
N PRO B 222 30.18 0.94 14.24
CA PRO B 222 29.38 -0.26 14.51
C PRO B 222 28.86 -0.26 15.95
N GLY B 223 27.60 -0.63 16.11
CA GLY B 223 26.96 -0.64 17.40
C GLY B 223 26.72 -2.03 17.95
N ASP B 224 25.50 -2.53 17.81
CA ASP B 224 25.12 -3.87 18.26
C ASP B 224 24.64 -4.69 17.09
N PHE B 225 24.73 -6.01 17.24
CA PHE B 225 24.11 -6.97 16.33
C PHE B 225 23.10 -7.78 17.14
N ILE B 226 21.82 -7.62 16.81
CA ILE B 226 20.75 -8.34 17.49
C ILE B 226 20.43 -9.59 16.70
N HIS B 227 20.60 -10.75 17.33
CA HIS B 227 20.37 -12.04 16.68
C HIS B 227 19.04 -12.61 17.19
N THR B 228 18.04 -12.60 16.32
CA THR B 228 16.73 -13.17 16.63
C THR B 228 16.59 -14.52 15.95
N LEU B 229 16.16 -15.52 16.70
CA LEU B 229 16.05 -16.89 16.21
C LEU B 229 14.60 -17.36 16.26
N GLY B 230 14.21 -18.13 15.24
CA GLY B 230 12.95 -18.83 15.26
C GLY B 230 13.09 -20.17 15.93
N ASP B 231 13.38 -21.22 15.16
CA ASP B 231 13.64 -22.55 15.72
C ASP B 231 15.11 -22.62 16.10
N ALA B 232 15.41 -22.29 17.35
CA ALA B 232 16.75 -22.45 17.90
C ALA B 232 16.88 -23.88 18.41
N HIS B 233 17.70 -24.68 17.74
CA HIS B 233 17.76 -26.11 17.99
C HIS B 233 19.20 -26.58 18.15
N ILE B 234 19.37 -27.65 18.91
CA ILE B 234 20.63 -28.34 19.10
C ILE B 234 20.45 -29.77 18.60
N TYR B 235 21.27 -30.18 17.65
CA TYR B 235 21.18 -31.55 17.17
C TYR B 235 21.62 -32.52 18.27
N LEU B 236 20.99 -33.71 18.27
CA LEU B 236 21.20 -34.65 19.36
C LEU B 236 22.63 -35.12 19.43
N ASN B 237 23.32 -35.23 18.29
CA ASN B 237 24.73 -35.59 18.28
C ASN B 237 25.65 -34.42 18.61
N HIS B 238 25.09 -33.24 18.91
CA HIS B 238 25.86 -32.09 19.33
C HIS B 238 25.78 -31.82 20.82
N ILE B 239 25.00 -32.61 21.56
CA ILE B 239 24.77 -32.33 22.97
C ILE B 239 26.05 -32.48 23.77
N GLU B 240 26.73 -33.62 23.63
CA GLU B 240 27.96 -33.83 24.38
C GLU B 240 29.08 -32.86 24.00
N PRO B 241 29.34 -32.55 22.73
CA PRO B 241 30.34 -31.52 22.43
C PRO B 241 29.99 -30.15 23.00
N LEU B 242 28.70 -29.77 22.96
CA LEU B 242 28.32 -28.46 23.48
C LEU B 242 28.41 -28.40 25.00
N LYS B 243 28.16 -29.52 25.69
CA LYS B 243 28.36 -29.54 27.13
C LYS B 243 29.82 -29.32 27.50
N ILE B 244 30.75 -29.78 26.66
CA ILE B 244 32.16 -29.52 26.91
C ILE B 244 32.48 -28.05 26.67
N GLN B 245 31.96 -27.49 25.58
CA GLN B 245 32.19 -26.07 25.28
C GLN B 245 31.55 -25.18 26.35
N LEU B 246 30.42 -25.60 26.91
CA LEU B 246 29.72 -24.80 27.90
C LEU B 246 30.51 -24.64 29.19
N GLN B 247 31.46 -25.54 29.46
CA GLN B 247 32.29 -25.46 30.65
C GLN B 247 33.61 -24.71 30.41
N ARG B 248 33.71 -23.98 29.31
CA ARG B 248 34.91 -23.23 28.98
C ARG B 248 34.71 -21.76 29.27
N GLU B 249 35.76 -21.11 29.74
CA GLU B 249 35.72 -19.67 29.97
C GLU B 249 36.02 -18.94 28.67
N PRO B 250 35.11 -18.11 28.18
CA PRO B 250 35.40 -17.37 26.94
C PRO B 250 36.52 -16.37 27.14
N ARG B 251 37.28 -16.16 26.08
CA ARG B 251 38.36 -15.20 26.07
C ARG B 251 37.90 -13.92 25.39
N PRO B 252 38.60 -12.81 25.58
CA PRO B 252 38.15 -11.53 25.00
C PRO B 252 37.97 -11.60 23.49
N PHE B 253 36.94 -10.92 23.01
CA PHE B 253 36.66 -10.87 21.58
C PHE B 253 37.84 -10.22 20.84
N PRO B 254 38.10 -10.65 19.63
CA PRO B 254 39.14 -10.01 18.81
C PRO B 254 38.65 -8.68 18.26
N LYS B 255 39.51 -8.04 17.48
CA LYS B 255 39.18 -6.80 16.80
C LYS B 255 39.32 -6.99 15.30
N LEU B 256 38.46 -6.32 14.54
CA LEU B 256 38.47 -6.38 13.09
C LEU B 256 39.01 -5.06 12.56
N ARG B 257 40.03 -5.15 11.71
CA ARG B 257 40.67 -3.97 11.13
C ARG B 257 40.46 -3.99 9.63
N ILE B 258 39.89 -2.92 9.10
CA ILE B 258 39.75 -2.75 7.66
C ILE B 258 40.95 -1.96 7.18
N LEU B 259 41.72 -2.56 6.27
CA LEU B 259 43.06 -2.07 5.99
C LEU B 259 43.07 -0.83 5.11
N ARG B 260 42.12 -0.69 4.19
CA ARG B 260 42.10 0.45 3.29
C ARG B 260 40.71 1.05 3.23
N LYS B 261 40.66 2.28 2.73
CA LYS B 261 39.41 3.03 2.63
C LYS B 261 38.66 2.60 1.37
N VAL B 262 37.55 1.89 1.56
CA VAL B 262 36.73 1.38 0.47
C VAL B 262 35.48 2.24 0.39
N GLU B 263 35.10 2.62 -0.83
CA GLU B 263 33.98 3.51 -1.07
C GLU B 263 32.69 2.80 -1.46
N LYS B 264 32.78 1.69 -2.18
CA LYS B 264 31.61 0.94 -2.61
C LYS B 264 31.69 -0.49 -2.09
N ILE B 265 30.52 -1.08 -1.81
CA ILE B 265 30.46 -2.41 -1.22
C ILE B 265 31.09 -3.46 -2.11
N ASP B 266 31.12 -3.21 -3.42
CA ASP B 266 31.69 -4.16 -4.38
C ASP B 266 33.21 -4.14 -4.43
N ASP B 267 33.84 -3.12 -3.86
CA ASP B 267 35.30 -3.02 -3.90
C ASP B 267 35.98 -3.77 -2.76
N PHE B 268 35.25 -4.26 -1.78
CA PHE B 268 35.87 -4.98 -0.67
C PHE B 268 36.45 -6.29 -1.16
N LYS B 269 37.74 -6.50 -0.88
CA LYS B 269 38.42 -7.74 -1.15
C LYS B 269 38.72 -8.43 0.19
N ALA B 270 39.00 -9.73 0.11
CA ALA B 270 39.31 -10.48 1.32
C ALA B 270 40.58 -9.97 1.99
N GLU B 271 41.50 -9.41 1.21
CA GLU B 271 42.76 -8.88 1.73
C GLU B 271 42.60 -7.54 2.42
N ASP B 272 41.38 -7.02 2.52
CA ASP B 272 41.12 -5.74 3.17
C ASP B 272 40.79 -5.89 4.65
N PHE B 273 40.71 -7.11 5.15
CA PHE B 273 40.25 -7.39 6.50
C PHE B 273 41.33 -8.14 7.28
N GLN B 274 41.48 -7.78 8.55
CA GLN B 274 42.48 -8.38 9.43
C GLN B 274 41.86 -8.61 10.80
N ILE B 275 41.83 -9.87 11.23
CA ILE B 275 41.38 -10.21 12.58
C ILE B 275 42.59 -10.28 13.49
N GLU B 276 42.61 -9.43 14.52
CA GLU B 276 43.73 -9.36 15.44
C GLU B 276 43.24 -9.68 16.86
N GLY B 277 44.06 -10.44 17.58
CA GLY B 277 43.72 -10.78 18.96
C GLY B 277 42.68 -11.87 19.11
N TYR B 278 42.65 -12.83 18.18
CA TYR B 278 41.71 -13.94 18.23
C TYR B 278 42.41 -15.14 18.81
N ASN B 279 42.03 -15.54 20.02
CA ASN B 279 42.66 -16.64 20.73
C ASN B 279 41.57 -17.61 21.19
N PRO B 280 41.04 -18.43 20.28
CA PRO B 280 39.97 -19.34 20.65
C PRO B 280 40.50 -20.60 21.31
N HIS B 281 39.58 -21.31 21.97
CA HIS B 281 39.90 -22.61 22.52
C HIS B 281 40.10 -23.63 21.41
N PRO B 282 40.78 -24.75 21.70
CA PRO B 282 40.92 -25.79 20.68
C PRO B 282 39.57 -26.34 20.25
N THR B 283 39.50 -26.76 18.99
CA THR B 283 38.25 -27.26 18.43
C THR B 283 37.84 -28.57 19.10
N ILE B 284 36.54 -28.79 19.19
CA ILE B 284 35.99 -30.02 19.76
C ILE B 284 35.33 -30.88 18.69
N SER C 6 -37.79 -11.63 -26.22
CA SER C 6 -38.17 -11.21 -24.87
C SER C 6 -37.67 -9.79 -24.57
N GLU C 7 -36.54 -9.42 -25.17
CA GLU C 7 -36.03 -8.07 -25.02
C GLU C 7 -36.89 -7.05 -25.75
N LEU C 8 -37.66 -7.48 -26.75
CA LEU C 8 -38.54 -6.58 -27.47
C LEU C 8 -39.60 -5.98 -26.55
N GLN C 9 -39.95 -6.69 -25.47
CA GLN C 9 -40.95 -6.17 -24.55
C GLN C 9 -40.46 -4.91 -23.85
N TYR C 10 -39.19 -4.90 -23.42
CA TYR C 10 -38.62 -3.69 -22.85
C TYR C 10 -38.55 -2.59 -23.89
N LEU C 11 -38.04 -2.92 -25.08
CA LEU C 11 -37.95 -1.93 -26.16
C LEU C 11 -39.32 -1.41 -26.54
N GLY C 12 -40.35 -2.27 -26.49
CA GLY C 12 -41.70 -1.80 -26.74
C GLY C 12 -42.18 -0.82 -25.70
N GLN C 13 -41.78 -1.02 -24.44
CA GLN C 13 -42.15 -0.08 -23.39
C GLN C 13 -41.49 1.27 -23.60
N ILE C 14 -40.24 1.28 -24.06
CA ILE C 14 -39.57 2.55 -24.35
C ILE C 14 -40.31 3.29 -25.46
N GLN C 15 -40.66 2.58 -26.54
CA GLN C 15 -41.37 3.21 -27.65
C GLN C 15 -42.73 3.73 -27.22
N HIS C 16 -43.46 2.96 -26.39
CA HIS C 16 -44.79 3.38 -25.98
C HIS C 16 -44.74 4.65 -25.15
N ILE C 17 -43.72 4.78 -24.29
CA ILE C 17 -43.60 5.97 -23.46
C ILE C 17 -43.20 7.18 -24.31
N LEU C 18 -42.28 6.98 -25.25
CA LEU C 18 -41.88 8.07 -26.14
C LEU C 18 -43.05 8.55 -26.99
N ARG C 19 -43.95 7.63 -27.37
CA ARG C 19 -45.05 7.96 -28.28
C ARG C 19 -46.34 8.31 -27.57
N CYS C 20 -46.59 7.76 -26.37
CA CYS C 20 -47.86 7.97 -25.69
C CYS C 20 -47.72 8.53 -24.29
N GLY C 21 -46.49 8.81 -23.83
CA GLY C 21 -46.29 9.34 -22.48
C GLY C 21 -46.51 10.84 -22.40
N VAL C 22 -47.17 11.27 -21.33
CA VAL C 22 -47.42 12.68 -21.09
C VAL C 22 -46.26 13.28 -20.30
N ARG C 23 -46.04 14.57 -20.48
CA ARG C 23 -45.02 15.27 -19.71
C ARG C 23 -45.43 15.36 -18.24
N LYS C 24 -44.48 15.10 -17.36
CA LYS C 24 -44.76 15.09 -15.92
C LYS C 24 -43.48 15.42 -15.16
N ASP C 25 -43.49 16.52 -14.41
CA ASP C 25 -42.34 16.84 -13.57
C ASP C 25 -42.30 15.91 -12.37
N ASP C 26 -41.11 15.80 -11.77
CA ASP C 26 -40.94 14.94 -10.61
C ASP C 26 -40.14 15.65 -9.51
N ARG C 27 -39.70 14.88 -8.51
CA ARG C 27 -38.98 15.44 -7.38
C ARG C 27 -37.67 16.08 -7.81
N THR C 28 -37.01 15.50 -8.81
CA THR C 28 -35.76 16.06 -9.30
C THR C 28 -36.03 17.25 -10.20
N GLY C 29 -34.96 17.98 -10.55
CA GLY C 29 -35.13 19.15 -11.38
C GLY C 29 -35.49 18.85 -12.82
N THR C 30 -35.24 17.63 -13.28
CA THR C 30 -35.54 17.26 -14.65
C THR C 30 -37.00 16.85 -14.80
N GLY C 31 -37.45 16.78 -16.06
CA GLY C 31 -38.78 16.33 -16.38
C GLY C 31 -38.79 14.87 -16.82
N THR C 32 -40.01 14.34 -16.96
CA THR C 32 -40.18 12.98 -17.44
C THR C 32 -41.35 12.92 -18.42
N LEU C 33 -41.32 11.91 -19.28
CA LEU C 33 -42.49 11.44 -20.01
C LEU C 33 -42.99 10.19 -19.29
N SER C 34 -44.20 10.24 -18.76
CA SER C 34 -44.65 9.24 -17.80
C SER C 34 -45.85 8.46 -18.33
N VAL C 35 -45.87 7.17 -18.01
CA VAL C 35 -47.02 6.29 -18.22
C VAL C 35 -47.21 5.49 -16.93
N PHE C 36 -48.47 5.37 -16.49
CA PHE C 36 -48.80 4.70 -15.24
C PHE C 36 -49.45 3.35 -15.53
N GLY C 37 -48.79 2.27 -15.14
CA GLY C 37 -49.32 0.94 -15.31
C GLY C 37 -48.83 0.21 -16.55
N MET C 38 -47.78 -0.60 -16.39
CA MET C 38 -47.25 -1.42 -17.47
C MET C 38 -46.86 -2.78 -16.90
N GLN C 39 -46.76 -3.77 -17.78
CA GLN C 39 -46.38 -5.11 -17.36
C GLN C 39 -45.70 -5.83 -18.51
N ALA C 40 -44.55 -6.44 -18.23
CA ALA C 40 -43.80 -7.21 -19.19
C ALA C 40 -43.45 -8.56 -18.58
N ARG C 41 -43.18 -9.53 -19.45
CA ARG C 41 -42.88 -10.89 -19.02
C ARG C 41 -41.56 -11.33 -19.65
N TYR C 42 -40.63 -11.80 -18.83
CA TYR C 42 -39.31 -12.21 -19.27
C TYR C 42 -39.07 -13.65 -18.86
N SER C 43 -38.86 -14.51 -19.85
CA SER C 43 -38.61 -15.92 -19.57
C SER C 43 -37.21 -16.11 -19.01
N LEU C 44 -37.08 -17.06 -18.08
CA LEU C 44 -35.80 -17.39 -17.48
C LEU C 44 -35.34 -18.79 -17.86
N ARG C 45 -36.01 -19.42 -18.82
CA ARG C 45 -35.77 -20.82 -19.18
C ARG C 45 -34.60 -20.90 -20.15
N ASP C 46 -33.48 -21.44 -19.68
CA ASP C 46 -32.25 -21.61 -20.45
C ASP C 46 -31.70 -20.29 -20.98
N GLU C 47 -32.04 -19.18 -20.32
CA GLU C 47 -31.49 -17.88 -20.67
C GLU C 47 -31.67 -16.95 -19.48
N PHE C 48 -30.90 -15.86 -19.49
CA PHE C 48 -30.95 -14.85 -18.44
C PHE C 48 -31.19 -13.50 -19.09
N PRO C 49 -32.23 -12.77 -18.68
CA PRO C 49 -32.60 -11.51 -19.38
C PRO C 49 -31.69 -10.34 -19.07
N LEU C 50 -30.43 -10.46 -19.49
CA LEU C 50 -29.50 -9.34 -19.49
C LEU C 50 -29.56 -8.69 -20.87
N LEU C 51 -30.02 -7.43 -20.91
CA LEU C 51 -30.33 -6.80 -22.19
C LEU C 51 -29.09 -6.73 -23.08
N THR C 52 -29.30 -6.90 -24.38
CA THR C 52 -28.23 -6.93 -25.36
C THR C 52 -28.14 -5.66 -26.20
N THR C 53 -29.21 -4.88 -26.30
CA THR C 53 -29.17 -3.62 -27.04
C THR C 53 -28.34 -2.55 -26.34
N LYS C 54 -27.85 -2.84 -25.13
CA LYS C 54 -26.98 -1.92 -24.39
C LYS C 54 -26.30 -2.70 -23.29
N ARG C 55 -24.99 -2.48 -23.14
CA ARG C 55 -24.24 -3.17 -22.09
C ARG C 55 -24.78 -2.79 -20.72
N VAL C 56 -25.13 -3.81 -19.93
CA VAL C 56 -25.70 -3.61 -18.59
C VAL C 56 -24.60 -3.82 -17.56
N PHE C 57 -24.56 -2.95 -16.55
CA PHE C 57 -23.58 -3.03 -15.48
C PHE C 57 -23.85 -4.28 -14.64
N TRP C 58 -23.39 -5.42 -15.15
CA TRP C 58 -23.66 -6.70 -14.51
C TRP C 58 -22.96 -6.80 -13.16
N LYS C 59 -21.73 -6.30 -13.05
CA LYS C 59 -21.03 -6.32 -11.78
C LYS C 59 -21.82 -5.62 -10.70
N GLY C 60 -22.48 -4.51 -11.06
CA GLY C 60 -23.34 -3.83 -10.11
C GLY C 60 -24.57 -4.64 -9.73
N VAL C 61 -25.15 -5.34 -10.71
CA VAL C 61 -26.33 -6.16 -10.44
C VAL C 61 -25.99 -7.26 -9.45
N LEU C 62 -24.88 -7.96 -9.67
CA LEU C 62 -24.51 -9.07 -8.80
C LEU C 62 -24.11 -8.57 -7.42
N GLU C 63 -23.29 -7.53 -7.36
CA GLU C 63 -22.80 -7.03 -6.07
C GLU C 63 -23.93 -6.42 -5.26
N GLU C 64 -24.85 -5.70 -5.92
CA GLU C 64 -25.92 -5.04 -5.18
C GLU C 64 -26.89 -6.08 -4.60
N LEU C 65 -27.14 -7.17 -5.32
CA LEU C 65 -28.02 -8.19 -4.79
C LEU C 65 -27.39 -8.90 -3.59
N LEU C 66 -26.08 -9.21 -3.68
CA LEU C 66 -25.38 -9.72 -2.51
C LEU C 66 -25.35 -8.68 -1.39
N TRP C 67 -25.27 -7.40 -1.75
CA TRP C 67 -25.35 -6.33 -0.77
C TRP C 67 -26.72 -6.27 -0.11
N PHE C 68 -27.77 -6.62 -0.86
CA PHE C 68 -29.12 -6.70 -0.29
C PHE C 68 -29.24 -7.90 0.63
N ILE C 69 -28.69 -9.05 0.24
CA ILE C 69 -28.89 -10.29 0.99
C ILE C 69 -28.25 -10.20 2.37
N LYS C 70 -27.09 -9.54 2.46
CA LYS C 70 -26.42 -9.37 3.75
C LYS C 70 -27.18 -8.44 4.68
N GLY C 71 -28.26 -7.80 4.22
CA GLY C 71 -28.98 -6.86 5.05
C GLY C 71 -28.32 -5.51 5.17
N SER C 72 -27.33 -5.21 4.33
CA SER C 72 -26.55 -3.99 4.48
C SER C 72 -27.34 -2.77 4.02
N THR C 73 -27.19 -1.68 4.78
CA THR C 73 -27.75 -0.38 4.42
C THR C 73 -26.66 0.68 4.28
N ASN C 74 -25.42 0.26 4.05
CA ASN C 74 -24.27 1.16 3.97
C ASN C 74 -23.84 1.27 2.51
N ALA C 75 -23.97 2.47 1.94
CA ALA C 75 -23.56 2.68 0.56
C ALA C 75 -22.06 2.49 0.40
N LYS C 76 -21.28 2.81 1.44
CA LYS C 76 -19.83 2.61 1.36
C LYS C 76 -19.46 1.14 1.25
N GLU C 77 -20.26 0.25 1.86
CA GLU C 77 -19.99 -1.18 1.76
C GLU C 77 -20.18 -1.68 0.33
N LEU C 78 -21.18 -1.14 -0.36
CA LEU C 78 -21.39 -1.50 -1.77
C LEU C 78 -20.43 -0.76 -2.68
N SER C 79 -20.09 0.49 -2.36
CA SER C 79 -19.15 1.25 -3.17
C SER C 79 -17.75 0.64 -3.13
N SER C 80 -17.40 0.01 -2.00
CA SER C 80 -16.08 -0.62 -1.88
C SER C 80 -15.89 -1.80 -2.80
N LYS C 81 -16.98 -2.34 -3.35
CA LYS C 81 -16.91 -3.42 -4.33
C LYS C 81 -16.81 -2.90 -5.76
N GLY C 82 -16.74 -1.58 -5.95
CA GLY C 82 -16.69 -0.99 -7.26
C GLY C 82 -18.03 -0.53 -7.80
N VAL C 83 -19.10 -0.64 -7.02
CA VAL C 83 -20.44 -0.28 -7.45
C VAL C 83 -20.82 0.99 -6.70
N LYS C 84 -20.76 2.13 -7.39
CA LYS C 84 -21.00 3.43 -6.78
C LYS C 84 -22.39 3.97 -7.10
N ILE C 85 -23.36 3.08 -7.36
CA ILE C 85 -24.67 3.51 -7.82
C ILE C 85 -25.49 4.18 -6.71
N TRP C 86 -25.19 3.90 -5.44
CA TRP C 86 -25.93 4.49 -4.33
C TRP C 86 -25.14 5.58 -3.63
N ASP C 87 -23.97 5.94 -4.14
CA ASP C 87 -23.15 6.93 -3.45
C ASP C 87 -23.77 8.32 -3.45
N ALA C 88 -24.55 8.64 -4.48
CA ALA C 88 -25.20 9.95 -4.53
C ALA C 88 -26.30 10.05 -3.48
N ASN C 89 -27.05 8.97 -3.25
CA ASN C 89 -28.12 8.98 -2.28
C ASN C 89 -27.62 8.82 -0.85
N GLY C 90 -26.36 8.45 -0.65
CA GLY C 90 -25.78 8.34 0.67
C GLY C 90 -24.76 9.41 1.01
N SER C 91 -24.56 10.41 0.15
CA SER C 91 -23.57 11.43 0.40
C SER C 91 -24.00 12.35 1.53
N ARG C 92 -23.02 13.09 2.08
CA ARG C 92 -23.32 14.02 3.16
C ARG C 92 -24.24 15.13 2.69
N ASP C 93 -24.02 15.65 1.48
CA ASP C 93 -24.87 16.71 0.95
C ASP C 93 -26.31 16.23 0.79
N PHE C 94 -26.50 15.01 0.29
CA PHE C 94 -27.85 14.50 0.07
C PHE C 94 -28.51 14.13 1.40
N LEU C 95 -27.77 13.50 2.31
CA LEU C 95 -28.32 13.17 3.62
C LEU C 95 -28.68 14.41 4.42
N ASP C 96 -27.92 15.49 4.25
CA ASP C 96 -28.24 16.73 4.94
C ASP C 96 -29.49 17.39 4.35
N SER C 97 -29.69 17.28 3.03
CA SER C 97 -30.85 17.87 2.40
C SER C 97 -32.16 17.23 2.86
N LEU C 98 -32.11 16.01 3.39
CA LEU C 98 -33.28 15.34 3.93
C LEU C 98 -33.43 15.56 5.43
N GLY C 99 -32.49 16.24 6.07
CA GLY C 99 -32.55 16.46 7.49
C GLY C 99 -31.78 15.47 8.34
N PHE C 100 -30.95 14.62 7.72
CA PHE C 100 -30.17 13.63 8.46
C PHE C 100 -28.77 14.17 8.71
N SER C 101 -28.71 15.22 9.53
CA SER C 101 -27.43 15.87 9.82
C SER C 101 -26.57 15.03 10.75
N THR C 102 -27.18 14.19 11.58
CA THR C 102 -26.45 13.38 12.54
C THR C 102 -26.07 12.01 11.98
N ARG C 103 -26.35 11.74 10.71
CA ARG C 103 -26.03 10.45 10.12
C ARG C 103 -24.67 10.49 9.45
N GLU C 104 -23.91 9.40 9.62
CA GLU C 104 -22.64 9.27 8.92
C GLU C 104 -22.90 9.09 7.43
N GLU C 105 -21.97 9.59 6.62
CA GLU C 105 -22.12 9.52 5.17
C GLU C 105 -22.19 8.07 4.71
N GLY C 106 -23.22 7.76 3.92
CA GLY C 106 -23.46 6.41 3.45
C GLY C 106 -24.60 5.70 4.13
N ASP C 107 -25.15 6.25 5.22
CA ASP C 107 -26.26 5.63 5.93
C ASP C 107 -27.55 5.94 5.16
N LEU C 108 -27.99 4.99 4.34
CA LEU C 108 -29.20 5.16 3.55
C LEU C 108 -30.47 4.99 4.38
N GLY C 109 -30.35 4.59 5.64
CA GLY C 109 -31.51 4.35 6.46
C GLY C 109 -32.03 2.94 6.29
N PRO C 110 -33.19 2.66 6.87
CA PRO C 110 -33.77 1.32 6.72
C PRO C 110 -34.31 1.09 5.32
N VAL C 111 -33.45 0.54 4.45
CA VAL C 111 -33.81 0.36 3.04
C VAL C 111 -33.89 -1.13 2.74
N TYR C 112 -33.71 -1.48 1.46
CA TYR C 112 -33.97 -2.85 0.98
C TYR C 112 -33.34 -3.90 1.88
N GLY C 113 -32.05 -3.75 2.18
CA GLY C 113 -31.36 -4.77 2.97
C GLY C 113 -31.94 -4.94 4.36
N PHE C 114 -32.37 -3.83 4.97
CA PHE C 114 -32.93 -3.92 6.31
C PHE C 114 -34.32 -4.53 6.31
N GLN C 115 -35.17 -4.13 5.36
CA GLN C 115 -36.54 -4.62 5.37
C GLN C 115 -36.63 -6.08 4.95
N TRP C 116 -35.71 -6.53 4.09
CA TRP C 116 -35.73 -7.93 3.66
C TRP C 116 -35.39 -8.87 4.80
N ARG C 117 -34.48 -8.47 5.69
CA ARG C 117 -33.95 -9.36 6.71
C ARG C 117 -34.39 -9.03 8.13
N HIS C 118 -34.73 -7.78 8.42
CA HIS C 118 -35.09 -7.36 9.77
C HIS C 118 -36.28 -6.40 9.72
N PHE C 119 -37.34 -6.80 9.03
CA PHE C 119 -38.52 -5.96 8.90
C PHE C 119 -39.19 -5.75 10.25
N GLY C 120 -39.44 -4.49 10.60
CA GLY C 120 -40.11 -4.15 11.83
C GLY C 120 -39.17 -3.87 13.00
N ALA C 121 -37.87 -4.08 12.83
CA ALA C 121 -36.91 -3.81 13.88
C ALA C 121 -36.67 -2.31 13.99
N GLU C 122 -36.29 -1.88 15.19
CA GLU C 122 -35.99 -0.47 15.43
C GLU C 122 -34.64 -0.14 14.84
N TYR C 123 -34.62 0.65 13.77
CA TYR C 123 -33.40 0.99 13.09
C TYR C 123 -32.64 2.06 13.87
N ARG C 124 -31.35 1.82 14.11
CA ARG C 124 -30.48 2.78 14.78
C ARG C 124 -29.55 3.43 13.77
N ASP C 125 -28.53 2.71 13.29
CA ASP C 125 -27.65 3.22 12.25
C ASP C 125 -27.24 2.04 11.38
N MET C 126 -26.33 2.29 10.43
CA MET C 126 -25.93 1.27 9.49
C MET C 126 -24.96 0.25 10.08
N GLU C 127 -24.24 0.60 11.13
CA GLU C 127 -23.27 -0.29 11.75
C GLU C 127 -23.84 -1.07 12.92
N SER C 128 -25.15 -1.03 13.13
CA SER C 128 -25.77 -1.71 14.25
C SER C 128 -25.95 -3.20 13.96
N ASP C 129 -26.08 -3.98 15.03
CA ASP C 129 -26.32 -5.41 14.94
C ASP C 129 -27.81 -5.66 15.16
N TYR C 130 -28.48 -6.20 14.15
CA TYR C 130 -29.91 -6.49 14.21
C TYR C 130 -30.19 -7.98 14.24
N SER C 131 -29.22 -8.77 14.72
CA SER C 131 -29.39 -10.22 14.76
C SER C 131 -30.57 -10.61 15.65
N GLY C 132 -31.46 -11.43 15.11
CA GLY C 132 -32.64 -11.86 15.83
C GLY C 132 -33.78 -10.86 15.84
N GLN C 133 -33.58 -9.65 15.33
CA GLN C 133 -34.60 -8.62 15.33
C GLN C 133 -35.27 -8.55 13.97
N GLY C 134 -36.58 -8.32 13.97
CA GLY C 134 -37.32 -8.17 12.75
C GLY C 134 -37.67 -9.50 12.11
N VAL C 135 -38.37 -9.40 10.97
CA VAL C 135 -38.82 -10.56 10.21
C VAL C 135 -37.82 -10.80 9.08
N ASP C 136 -37.33 -12.04 8.99
CA ASP C 136 -36.44 -12.43 7.90
C ASP C 136 -37.29 -12.87 6.72
N GLN C 137 -37.69 -11.91 5.91
CA GLN C 137 -38.56 -12.21 4.77
C GLN C 137 -37.84 -13.08 3.75
N LEU C 138 -36.54 -12.85 3.55
CA LEU C 138 -35.80 -13.61 2.55
C LEU C 138 -35.75 -15.10 2.90
N GLN C 139 -35.56 -15.42 4.18
CA GLN C 139 -35.56 -16.82 4.58
C GLN C 139 -36.97 -17.38 4.69
N ARG C 140 -37.95 -16.53 5.02
CA ARG C 140 -39.33 -16.99 5.13
C ARG C 140 -39.87 -17.43 3.77
N VAL C 141 -39.54 -16.70 2.71
CA VAL C 141 -40.01 -17.11 1.39
C VAL C 141 -39.29 -18.37 0.94
N ILE C 142 -38.02 -18.54 1.33
CA ILE C 142 -37.30 -19.76 0.96
C ILE C 142 -37.89 -20.96 1.69
N ASP C 143 -38.24 -20.80 2.97
CA ASP C 143 -38.82 -21.91 3.72
C ASP C 143 -40.21 -22.27 3.21
N THR C 144 -41.00 -21.28 2.82
CA THR C 144 -42.35 -21.55 2.33
C THR C 144 -42.30 -22.36 1.03
N ILE C 145 -41.34 -22.05 0.16
CA ILE C 145 -41.22 -22.78 -1.09
C ILE C 145 -40.84 -24.23 -0.85
N LYS C 146 -39.95 -24.47 0.12
CA LYS C 146 -39.49 -25.83 0.40
C LYS C 146 -40.60 -26.71 0.94
N THR C 147 -41.55 -26.14 1.67
CA THR C 147 -42.58 -26.93 2.35
C THR C 147 -43.97 -26.80 1.75
N ASN C 148 -44.33 -25.63 1.21
CA ASN C 148 -45.66 -25.41 0.64
C ASN C 148 -45.53 -24.58 -0.63
N PRO C 149 -45.06 -25.19 -1.72
CA PRO C 149 -44.80 -24.41 -2.94
C PRO C 149 -46.05 -23.84 -3.58
N ASP C 150 -47.23 -24.36 -3.28
CA ASP C 150 -48.48 -23.85 -3.81
C ASP C 150 -48.98 -22.62 -3.06
N ASP C 151 -48.22 -22.09 -2.13
CA ASP C 151 -48.67 -20.97 -1.32
C ASP C 151 -48.76 -19.70 -2.15
N ARG C 152 -49.88 -18.99 -2.05
CA ARG C 152 -50.09 -17.76 -2.78
C ARG C 152 -49.73 -16.52 -1.97
N ARG C 153 -48.91 -16.68 -0.93
CA ARG C 153 -48.53 -15.56 -0.06
C ARG C 153 -47.01 -15.39 0.04
N ILE C 154 -46.25 -16.08 -0.82
CA ILE C 154 -44.79 -15.98 -0.79
C ILE C 154 -44.38 -14.59 -1.26
N ILE C 155 -44.36 -13.64 -0.34
CA ILE C 155 -44.14 -12.23 -0.65
C ILE C 155 -42.99 -11.70 0.18
N MET C 156 -42.11 -10.94 -0.46
CA MET C 156 -41.06 -10.18 0.23
C MET C 156 -41.29 -8.72 -0.08
N CYS C 157 -41.62 -7.94 0.95
CA CYS C 157 -42.01 -6.54 0.79
C CYS C 157 -40.99 -5.63 1.46
N ALA C 158 -40.50 -4.64 0.70
CA ALA C 158 -39.55 -3.68 1.22
C ALA C 158 -40.18 -2.34 1.57
N TRP C 159 -41.49 -2.19 1.39
CA TRP C 159 -42.18 -0.94 1.65
C TRP C 159 -42.64 -0.90 3.10
N ASN C 160 -41.99 -0.06 3.91
CA ASN C 160 -42.31 0.08 5.33
C ASN C 160 -42.74 1.53 5.60
N PRO C 161 -44.04 1.80 5.69
CA PRO C 161 -44.49 3.18 5.94
C PRO C 161 -43.96 3.77 7.23
N ARG C 162 -43.73 2.95 8.26
CA ARG C 162 -43.20 3.47 9.51
C ARG C 162 -41.75 3.94 9.35
N ASP C 163 -40.93 3.12 8.69
CA ASP C 163 -39.54 3.45 8.43
C ASP C 163 -39.36 4.41 7.26
N LEU C 164 -40.45 4.79 6.60
CA LEU C 164 -40.36 5.61 5.39
C LEU C 164 -39.67 6.95 5.60
N PRO C 165 -40.00 7.75 6.62
CA PRO C 165 -39.34 9.07 6.74
C PRO C 165 -37.87 8.98 7.10
N LEU C 166 -37.36 7.81 7.48
CA LEU C 166 -35.95 7.63 7.80
C LEU C 166 -35.11 7.15 6.62
N MET C 167 -35.72 6.90 5.46
CA MET C 167 -35.00 6.37 4.32
C MET C 167 -34.45 7.50 3.47
N ALA C 168 -33.22 7.32 2.98
CA ALA C 168 -32.64 8.28 2.05
C ALA C 168 -33.37 8.27 0.72
N LEU C 169 -33.92 7.12 0.34
CA LEU C 169 -34.74 7.00 -0.85
C LEU C 169 -35.75 5.87 -0.64
N PRO C 170 -37.04 6.14 -0.76
CA PRO C 170 -38.04 5.09 -0.60
C PRO C 170 -37.84 4.01 -1.64
N PRO C 171 -38.17 2.76 -1.31
CA PRO C 171 -37.88 1.65 -2.23
C PRO C 171 -38.61 1.80 -3.55
N CYS C 172 -37.86 1.70 -4.65
CA CYS C 172 -38.46 1.71 -5.98
C CYS C 172 -39.06 0.36 -6.32
N HIS C 173 -38.28 -0.71 -6.18
CA HIS C 173 -38.84 -2.06 -6.25
C HIS C 173 -39.38 -2.40 -4.87
N ALA C 174 -40.68 -2.13 -4.67
CA ALA C 174 -41.28 -2.12 -3.34
C ALA C 174 -41.72 -3.49 -2.86
N LEU C 175 -42.14 -4.38 -3.76
CA LEU C 175 -42.70 -5.66 -3.36
C LEU C 175 -42.47 -6.67 -4.47
N CYS C 176 -42.17 -7.91 -4.09
CA CYS C 176 -42.04 -8.99 -5.05
C CYS C 176 -42.75 -10.23 -4.50
N GLN C 177 -43.32 -11.00 -5.42
CA GLN C 177 -44.06 -12.21 -5.07
C GLN C 177 -43.49 -13.38 -5.86
N PHE C 178 -43.46 -14.54 -5.22
CA PHE C 178 -42.93 -15.75 -5.84
C PHE C 178 -44.04 -16.77 -6.06
N TYR C 179 -43.84 -17.63 -7.06
CA TYR C 179 -44.89 -18.50 -7.56
C TYR C 179 -44.24 -19.79 -8.04
N VAL C 180 -44.85 -20.93 -7.68
CA VAL C 180 -44.32 -22.24 -8.00
C VAL C 180 -45.42 -23.09 -8.63
N VAL C 181 -45.12 -23.67 -9.79
CA VAL C 181 -45.99 -24.68 -10.40
C VAL C 181 -45.15 -25.50 -11.37
N ASN C 182 -45.41 -26.81 -11.42
CA ASN C 182 -44.67 -27.73 -12.29
C ASN C 182 -43.16 -27.62 -12.06
N SER C 183 -42.76 -27.49 -10.78
CA SER C 183 -41.36 -27.37 -10.39
C SER C 183 -40.69 -26.17 -11.05
N GLU C 184 -41.46 -25.12 -11.34
CA GLU C 184 -40.95 -23.89 -11.92
C GLU C 184 -41.17 -22.74 -10.95
N LEU C 185 -40.11 -22.00 -10.66
CA LEU C 185 -40.17 -20.84 -9.77
C LEU C 185 -40.29 -19.57 -10.60
N SER C 186 -41.32 -18.78 -10.32
CA SER C 186 -41.52 -17.51 -10.98
C SER C 186 -41.54 -16.39 -9.95
N CYS C 187 -41.37 -15.16 -10.44
CA CYS C 187 -41.28 -14.01 -9.57
C CYS C 187 -41.86 -12.79 -10.26
N GLN C 188 -42.79 -12.11 -9.60
CA GLN C 188 -43.32 -10.84 -10.08
C GLN C 188 -42.87 -9.71 -9.16
N LEU C 189 -42.43 -8.61 -9.76
CA LEU C 189 -41.97 -7.44 -9.03
C LEU C 189 -42.90 -6.27 -9.28
N TYR C 190 -43.25 -5.55 -8.21
CA TYR C 190 -43.99 -4.29 -8.34
C TYR C 190 -43.02 -3.15 -8.10
N GLN C 191 -42.72 -2.39 -9.16
CA GLN C 191 -41.85 -1.22 -9.07
C GLN C 191 -42.73 0.04 -9.10
N ARG C 192 -42.75 0.77 -7.99
CA ARG C 192 -43.63 1.93 -7.86
C ARG C 192 -43.24 3.02 -8.85
N SER C 193 -41.95 3.16 -9.16
CA SER C 193 -41.50 4.13 -10.13
C SER C 193 -40.24 3.59 -10.78
N GLY C 194 -40.22 3.56 -12.11
CA GLY C 194 -39.09 3.00 -12.81
C GLY C 194 -38.45 3.95 -13.80
N ASP C 195 -37.18 4.23 -13.58
CA ASP C 195 -36.38 4.98 -14.55
C ASP C 195 -36.07 4.04 -15.70
N MET C 196 -36.82 4.16 -16.79
CA MET C 196 -36.72 3.20 -17.88
C MET C 196 -35.33 3.20 -18.51
N GLY C 197 -34.63 4.33 -18.48
CA GLY C 197 -33.34 4.43 -19.11
C GLY C 197 -32.22 3.74 -18.34
N LEU C 198 -32.11 4.02 -17.05
CA LEU C 198 -30.98 3.56 -16.25
C LEU C 198 -31.35 2.47 -15.25
N GLY C 199 -32.44 2.64 -14.51
CA GLY C 199 -32.76 1.71 -13.45
C GLY C 199 -33.45 0.44 -13.91
N VAL C 200 -34.42 0.57 -14.82
CA VAL C 200 -35.26 -0.58 -15.18
C VAL C 200 -34.44 -1.72 -15.79
N PRO C 201 -33.55 -1.49 -16.78
CA PRO C 201 -32.72 -2.62 -17.25
C PRO C 201 -31.88 -3.21 -16.14
N PHE C 202 -31.38 -2.37 -15.23
CA PHE C 202 -30.62 -2.86 -14.09
C PHE C 202 -31.49 -3.70 -13.16
N ASN C 203 -32.70 -3.23 -12.87
CA ASN C 203 -33.57 -3.94 -11.92
C ASN C 203 -34.06 -5.26 -12.49
N ILE C 204 -34.27 -5.34 -13.81
CA ILE C 204 -34.77 -6.58 -14.42
C ILE C 204 -33.77 -7.71 -14.19
N ALA C 205 -32.50 -7.46 -14.50
CA ALA C 205 -31.48 -8.48 -14.26
C ALA C 205 -31.31 -8.76 -12.77
N SER C 206 -31.57 -7.76 -11.92
CA SER C 206 -31.42 -7.93 -10.48
C SER C 206 -32.36 -9.01 -9.96
N TYR C 207 -33.66 -8.86 -10.22
CA TYR C 207 -34.62 -9.83 -9.73
C TYR C 207 -34.62 -11.12 -10.53
N ALA C 208 -34.10 -11.10 -11.75
CA ALA C 208 -33.89 -12.34 -12.48
C ALA C 208 -32.78 -13.17 -11.83
N LEU C 209 -31.73 -12.50 -11.35
CA LEU C 209 -30.67 -13.19 -10.62
C LEU C 209 -31.18 -13.75 -9.30
N LEU C 210 -32.04 -12.99 -8.60
CA LEU C 210 -32.58 -13.47 -7.33
C LEU C 210 -33.43 -14.72 -7.54
N THR C 211 -34.19 -14.77 -8.62
CA THR C 211 -34.99 -15.97 -8.92
C THR C 211 -34.09 -17.16 -9.25
N TYR C 212 -32.94 -16.90 -9.88
CA TYR C 212 -32.00 -17.99 -10.13
C TYR C 212 -31.39 -18.49 -8.83
N MET C 213 -31.12 -17.60 -7.88
CA MET C 213 -30.56 -18.02 -6.59
C MET C 213 -31.54 -18.89 -5.82
N ILE C 214 -32.79 -18.43 -5.69
CA ILE C 214 -33.77 -19.17 -4.89
C ILE C 214 -34.13 -20.49 -5.55
N ALA C 215 -34.17 -20.52 -6.89
CA ALA C 215 -34.45 -21.78 -7.58
C ALA C 215 -33.33 -22.79 -7.34
N HIS C 216 -32.08 -22.33 -7.30
CA HIS C 216 -30.96 -23.24 -7.05
C HIS C 216 -31.05 -23.86 -5.67
N ILE C 217 -31.46 -23.06 -4.67
CA ILE C 217 -31.54 -23.56 -3.31
C ILE C 217 -32.72 -24.51 -3.15
N THR C 218 -33.87 -24.15 -3.72
CA THR C 218 -35.07 -24.95 -3.59
C THR C 218 -35.14 -26.08 -4.62
N GLY C 219 -34.13 -26.26 -5.45
CA GLY C 219 -34.16 -27.32 -6.44
C GLY C 219 -35.24 -27.16 -7.48
N LEU C 220 -35.57 -25.93 -7.84
CA LEU C 220 -36.57 -25.65 -8.86
C LEU C 220 -35.91 -25.08 -10.10
N LYS C 221 -36.67 -25.07 -11.20
CA LYS C 221 -36.23 -24.51 -12.46
C LYS C 221 -36.77 -23.08 -12.60
N PRO C 222 -35.94 -22.12 -12.99
CA PRO C 222 -36.45 -20.75 -13.17
C PRO C 222 -37.49 -20.70 -14.28
N GLY C 223 -38.57 -19.96 -14.01
CA GLY C 223 -39.66 -19.84 -14.96
C GLY C 223 -39.74 -18.50 -15.65
N ASP C 224 -40.64 -17.63 -15.18
CA ASP C 224 -40.81 -16.29 -15.73
C ASP C 224 -40.55 -15.24 -14.67
N PHE C 225 -40.18 -14.05 -15.14
CA PHE C 225 -40.08 -12.86 -14.30
C PHE C 225 -41.07 -11.83 -14.84
N ILE C 226 -42.09 -11.51 -14.06
CA ILE C 226 -43.13 -10.55 -14.45
C ILE C 226 -42.74 -9.19 -13.86
N HIS C 227 -42.54 -8.21 -14.73
CA HIS C 227 -42.14 -6.87 -14.31
C HIS C 227 -43.35 -5.94 -14.43
N THR C 228 -43.90 -5.56 -13.28
CA THR C 228 -45.02 -4.62 -13.21
C THR C 228 -44.49 -3.27 -12.77
N LEU C 229 -44.90 -2.21 -13.46
CA LEU C 229 -44.43 -0.86 -13.20
C LEU C 229 -45.57 0.03 -12.74
N GLY C 230 -45.27 0.92 -11.80
CA GLY C 230 -46.20 1.96 -11.44
C GLY C 230 -46.01 3.18 -12.32
N ASP C 231 -45.20 4.13 -11.89
CA ASP C 231 -44.86 5.30 -12.69
C ASP C 231 -43.66 4.92 -13.55
N ALA C 232 -43.93 4.44 -14.76
CA ALA C 232 -42.88 4.15 -15.74
C ALA C 232 -42.60 5.43 -16.51
N HIS C 233 -41.40 5.98 -16.32
CA HIS C 233 -41.08 7.30 -16.84
C HIS C 233 -39.73 7.29 -17.55
N ILE C 234 -39.59 8.19 -18.51
CA ILE C 234 -38.33 8.42 -19.22
C ILE C 234 -37.91 9.86 -18.93
N TYR C 235 -36.74 10.03 -18.36
CA TYR C 235 -36.23 11.37 -18.09
C TYR C 235 -35.91 12.10 -19.39
N LEU C 236 -36.07 13.41 -19.37
CA LEU C 236 -35.94 14.20 -20.59
C LEU C 236 -34.53 14.13 -21.15
N ASN C 237 -33.52 14.01 -20.29
CA ASN C 237 -32.14 13.85 -20.75
C ASN C 237 -31.84 12.41 -21.17
N HIS C 238 -32.81 11.51 -21.12
CA HIS C 238 -32.65 10.14 -21.59
C HIS C 238 -33.34 9.87 -22.91
N ILE C 239 -34.07 10.86 -23.47
CA ILE C 239 -34.87 10.60 -24.66
C ILE C 239 -33.97 10.29 -25.85
N GLU C 240 -33.01 11.17 -26.13
CA GLU C 240 -32.12 10.95 -27.26
C GLU C 240 -31.25 9.71 -27.10
N PRO C 241 -30.66 9.41 -25.93
CA PRO C 241 -29.92 8.15 -25.80
C PRO C 241 -30.80 6.92 -26.03
N LEU C 242 -32.05 6.96 -25.57
CA LEU C 242 -32.94 5.82 -25.78
C LEU C 242 -33.39 5.71 -27.23
N LYS C 243 -33.47 6.84 -27.94
CA LYS C 243 -33.77 6.77 -29.36
C LYS C 243 -32.66 6.05 -30.13
N ILE C 244 -31.41 6.16 -29.66
CA ILE C 244 -30.32 5.43 -30.29
C ILE C 244 -30.44 3.94 -29.98
N GLN C 245 -30.73 3.59 -28.73
CA GLN C 245 -30.87 2.19 -28.36
C GLN C 245 -32.05 1.55 -29.09
N LEU C 246 -33.11 2.32 -29.33
CA LEU C 246 -34.30 1.79 -29.99
C LEU C 246 -34.03 1.40 -31.43
N GLN C 247 -32.97 1.92 -32.04
CA GLN C 247 -32.59 1.59 -33.41
C GLN C 247 -31.60 0.44 -33.49
N ARG C 248 -31.40 -0.30 -32.41
CA ARG C 248 -30.45 -1.40 -32.37
C ARG C 248 -31.19 -2.73 -32.42
N GLU C 249 -30.61 -3.70 -33.11
CA GLU C 249 -31.18 -5.04 -33.19
C GLU C 249 -30.73 -5.85 -31.97
N PRO C 250 -31.66 -6.37 -31.17
CA PRO C 250 -31.24 -7.18 -30.02
C PRO C 250 -30.61 -8.50 -30.46
N ARG C 251 -29.64 -8.94 -29.68
CA ARG C 251 -28.94 -10.20 -29.86
C ARG C 251 -29.47 -11.22 -28.86
N PRO C 252 -29.19 -12.51 -29.07
CA PRO C 252 -29.71 -13.53 -28.14
C PRO C 252 -29.27 -13.29 -26.71
N PHE C 253 -30.19 -13.54 -25.78
CA PHE C 253 -29.89 -13.39 -24.36
C PHE C 253 -28.77 -14.36 -23.96
N PRO C 254 -27.92 -13.97 -23.00
CA PRO C 254 -26.90 -14.89 -22.50
C PRO C 254 -27.49 -15.95 -21.59
N LYS C 255 -26.63 -16.81 -21.04
CA LYS C 255 -27.03 -17.82 -20.08
C LYS C 255 -26.26 -17.61 -18.78
N LEU C 256 -26.92 -17.90 -17.67
CA LEU C 256 -26.33 -17.74 -16.34
C LEU C 256 -25.98 -19.11 -15.77
N ARG C 257 -24.74 -19.25 -15.32
CA ARG C 257 -24.21 -20.51 -14.79
C ARG C 257 -23.86 -20.32 -13.33
N ILE C 258 -24.43 -21.17 -12.47
CA ILE C 258 -24.08 -21.21 -11.06
C ILE C 258 -23.01 -22.28 -10.88
N LEU C 259 -21.84 -21.88 -10.39
CA LEU C 259 -20.67 -22.75 -10.48
C LEU C 259 -20.64 -23.84 -9.42
N ARG C 260 -21.17 -23.60 -8.22
CA ARG C 260 -21.11 -24.59 -7.15
C ARG C 260 -22.47 -24.73 -6.48
N LYS C 261 -22.63 -25.83 -5.75
CA LYS C 261 -23.88 -26.14 -5.05
C LYS C 261 -23.92 -25.40 -3.73
N VAL C 262 -24.79 -24.40 -3.63
CA VAL C 262 -24.92 -23.56 -2.45
C VAL C 262 -26.18 -23.97 -1.70
N GLU C 263 -26.08 -24.06 -0.38
CA GLU C 263 -27.17 -24.55 0.47
C GLU C 263 -28.00 -23.42 1.07
N LYS C 264 -27.39 -22.30 1.42
CA LYS C 264 -28.07 -21.18 2.04
C LYS C 264 -27.86 -19.93 1.18
N ILE C 265 -28.87 -19.05 1.19
CA ILE C 265 -28.82 -17.84 0.37
C ILE C 265 -27.66 -16.94 0.78
N ASP C 266 -27.18 -17.06 2.02
CA ASP C 266 -26.10 -16.23 2.53
C ASP C 266 -24.71 -16.69 2.08
N ASP C 267 -24.59 -17.90 1.55
CA ASP C 267 -23.31 -18.43 1.11
C ASP C 267 -22.95 -18.06 -0.31
N PHE C 268 -23.86 -17.43 -1.06
CA PHE C 268 -23.56 -17.06 -2.43
C PHE C 268 -22.46 -16.01 -2.47
N LYS C 269 -21.40 -16.31 -3.23
CA LYS C 269 -20.31 -15.37 -3.47
C LYS C 269 -20.36 -14.88 -4.91
N ALA C 270 -19.67 -13.77 -5.17
CA ALA C 270 -19.65 -13.23 -6.52
C ALA C 270 -19.01 -14.18 -7.51
N GLU C 271 -18.08 -15.02 -7.05
CA GLU C 271 -17.40 -15.97 -7.92
C GLU C 271 -18.24 -17.20 -8.24
N ASP C 272 -19.48 -17.27 -7.76
CA ASP C 272 -20.35 -18.41 -8.03
C ASP C 272 -21.18 -18.25 -9.30
N PHE C 273 -21.13 -17.11 -9.95
CA PHE C 273 -21.99 -16.82 -11.08
C PHE C 273 -21.16 -16.49 -12.31
N GLN C 274 -21.59 -17.00 -13.46
CA GLN C 274 -20.90 -16.79 -14.72
C GLN C 274 -21.93 -16.53 -15.82
N ILE C 275 -21.84 -15.37 -16.45
CA ILE C 275 -22.68 -15.03 -17.59
C ILE C 275 -21.96 -15.47 -18.86
N GLU C 276 -22.59 -16.33 -19.64
CA GLU C 276 -21.98 -16.90 -20.84
C GLU C 276 -22.74 -16.46 -22.08
N GLY C 277 -22.00 -16.09 -23.11
CA GLY C 277 -22.60 -15.72 -24.38
C GLY C 277 -23.21 -14.34 -24.41
N TYR C 278 -22.65 -13.39 -23.67
CA TYR C 278 -23.16 -12.03 -23.60
C TYR C 278 -22.34 -11.14 -24.52
N ASN C 279 -22.93 -10.73 -25.63
CA ASN C 279 -22.26 -9.88 -26.64
C ASN C 279 -23.16 -8.69 -26.91
N PRO C 280 -23.22 -7.73 -26.00
CA PRO C 280 -24.15 -6.61 -26.14
C PRO C 280 -23.59 -5.51 -27.05
N HIS C 281 -24.50 -4.61 -27.41
CA HIS C 281 -24.14 -3.39 -28.13
C HIS C 281 -23.34 -2.47 -27.20
N PRO C 282 -22.65 -1.47 -27.75
CA PRO C 282 -21.90 -0.55 -26.89
C PRO C 282 -22.79 0.14 -25.86
N THR C 283 -22.19 0.47 -24.72
CA THR C 283 -22.91 1.09 -23.62
C THR C 283 -23.40 2.49 -24.00
N ILE C 284 -24.55 2.86 -23.46
CA ILE C 284 -25.11 4.19 -23.64
C ILE C 284 -25.07 4.90 -22.29
N LYS C 285 -24.57 6.13 -22.28
CA LYS C 285 -24.44 6.90 -21.05
C LYS C 285 -25.74 7.65 -20.79
N MET C 286 -26.36 7.38 -19.64
CA MET C 286 -27.58 8.05 -19.22
C MET C 286 -27.39 8.53 -17.78
N GLU C 287 -27.40 9.84 -17.59
CA GLU C 287 -27.09 10.42 -16.29
C GLU C 287 -28.22 10.17 -15.30
N MET C 288 -27.85 10.07 -14.03
CA MET C 288 -28.82 9.87 -12.95
C MET C 288 -29.44 11.20 -12.55
N ALA C 289 -30.74 11.15 -12.20
CA ALA C 289 -31.46 12.36 -11.84
C ALA C 289 -31.18 12.80 -10.41
N VAL C 290 -30.92 11.85 -9.51
CA VAL C 290 -30.64 12.15 -8.10
C VAL C 290 -31.77 12.93 -7.44
N PRO D 2 22.69 29.98 10.02
CA PRO D 2 22.77 29.78 8.57
C PRO D 2 21.45 30.08 7.85
N VAL D 3 21.20 31.36 7.58
CA VAL D 3 19.95 31.76 6.94
C VAL D 3 20.07 31.80 5.42
N ALA D 4 21.23 32.18 4.89
CA ALA D 4 21.44 32.24 3.45
C ALA D 4 21.60 30.83 2.89
N GLY D 5 20.81 30.51 1.85
CA GLY D 5 20.85 29.21 1.23
C GLY D 5 19.86 28.20 1.77
N SER D 6 19.06 28.57 2.78
CA SER D 6 18.18 27.64 3.46
C SER D 6 16.72 28.04 3.23
N GLU D 7 15.82 27.21 3.79
CA GLU D 7 14.39 27.45 3.69
C GLU D 7 13.95 28.67 4.49
N LEU D 8 14.78 29.13 5.44
CA LEU D 8 14.41 30.30 6.22
C LEU D 8 14.21 31.53 5.34
N GLN D 9 14.88 31.59 4.19
CA GLN D 9 14.68 32.73 3.30
C GLN D 9 13.28 32.74 2.73
N TYR D 10 12.76 31.58 2.32
CA TYR D 10 11.39 31.50 1.86
C TYR D 10 10.42 31.86 2.98
N LEU D 11 10.62 31.28 4.17
CA LEU D 11 9.78 31.63 5.30
C LEU D 11 9.91 33.10 5.65
N GLY D 12 11.12 33.66 5.51
CA GLY D 12 11.29 35.09 5.72
C GLY D 12 10.54 35.93 4.70
N GLN D 13 10.52 35.49 3.45
CA GLN D 13 9.77 36.23 2.43
C GLN D 13 8.27 36.14 2.69
N ILE D 14 7.79 34.99 3.17
CA ILE D 14 6.38 34.86 3.54
C ILE D 14 6.05 35.85 4.65
N GLN D 15 6.91 35.91 5.67
CA GLN D 15 6.69 36.82 6.79
C GLN D 15 6.69 38.27 6.34
N HIS D 16 7.61 38.65 5.46
CA HIS D 16 7.71 40.05 5.04
C HIS D 16 6.47 40.48 4.26
N ILE D 17 5.91 39.59 3.45
CA ILE D 17 4.71 39.94 2.69
C ILE D 17 3.51 40.07 3.62
N LEU D 18 3.41 39.18 4.61
CA LEU D 18 2.31 39.27 5.56
C LEU D 18 2.34 40.57 6.34
N ARG D 19 3.53 41.10 6.62
CA ARG D 19 3.68 42.28 7.46
C ARG D 19 3.81 43.57 6.66
N CYS D 20 4.34 43.52 5.45
CA CYS D 20 4.57 44.71 4.65
C CYS D 20 3.91 44.67 3.27
N GLY D 21 3.15 43.63 2.94
CA GLY D 21 2.54 43.55 1.63
C GLY D 21 1.30 44.41 1.55
N VAL D 22 1.16 45.12 0.43
CA VAL D 22 0.03 45.99 0.19
C VAL D 22 -1.06 45.20 -0.51
N ARG D 23 -2.31 45.62 -0.30
CA ARG D 23 -3.43 44.99 -1.01
C ARG D 23 -3.35 45.33 -2.49
N LYS D 24 -3.54 44.32 -3.33
CA LYS D 24 -3.47 44.52 -4.77
C LYS D 24 -4.34 43.48 -5.45
N ASP D 25 -5.36 43.93 -6.17
CA ASP D 25 -6.21 43.03 -6.93
C ASP D 25 -5.47 42.51 -8.16
N ASP D 26 -5.95 41.39 -8.69
CA ASP D 26 -5.35 40.82 -9.89
C ASP D 26 -6.43 40.40 -10.89
N ARG D 27 -6.04 39.66 -11.94
CA ARG D 27 -7.00 39.28 -12.96
C ARG D 27 -8.09 38.36 -12.42
N THR D 28 -7.74 37.51 -11.46
CA THR D 28 -8.73 36.61 -10.87
C THR D 28 -9.61 37.39 -9.88
N GLY D 29 -10.63 36.70 -9.37
CA GLY D 29 -11.55 37.33 -8.43
C GLY D 29 -10.97 37.56 -7.05
N THR D 30 -9.91 36.84 -6.69
CA THR D 30 -9.33 36.99 -5.37
C THR D 30 -8.36 38.17 -5.32
N GLY D 31 -8.03 38.57 -4.10
CA GLY D 31 -7.05 39.61 -3.86
C GLY D 31 -5.69 39.04 -3.49
N THR D 32 -4.71 39.93 -3.39
CA THR D 32 -3.37 39.54 -2.96
C THR D 32 -2.82 40.58 -1.99
N LEU D 33 -1.87 40.14 -1.17
CA LEU D 33 -0.95 41.01 -0.47
C LEU D 33 0.36 40.96 -1.24
N SER D 34 0.78 42.10 -1.78
CA SER D 34 1.83 42.12 -2.79
C SER D 34 3.03 42.92 -2.31
N VAL D 35 4.22 42.42 -2.67
CA VAL D 35 5.48 43.12 -2.52
C VAL D 35 6.22 42.99 -3.85
N PHE D 36 6.78 44.09 -4.34
CA PHE D 36 7.43 44.13 -5.64
C PHE D 36 8.94 44.20 -5.44
N GLY D 37 9.65 43.18 -5.91
CA GLY D 37 11.10 43.14 -5.81
C GLY D 37 11.58 42.35 -4.61
N MET D 38 11.90 41.07 -4.82
CA MET D 38 12.45 40.22 -3.77
C MET D 38 13.53 39.33 -4.38
N GLN D 39 14.40 38.81 -3.52
CA GLN D 39 15.47 37.94 -3.98
C GLN D 39 15.85 36.98 -2.87
N ALA D 40 15.94 35.69 -3.20
CA ALA D 40 16.35 34.66 -2.27
C ALA D 40 17.44 33.80 -2.89
N ARG D 41 18.21 33.15 -2.03
CA ARG D 41 19.32 32.31 -2.45
C ARG D 41 19.19 30.94 -1.79
N TYR D 42 19.25 29.88 -2.59
CA TYR D 42 19.10 28.52 -2.09
C TYR D 42 20.31 27.70 -2.51
N SER D 43 21.00 27.11 -1.53
CA SER D 43 22.19 26.34 -1.82
C SER D 43 21.83 25.01 -2.49
N LEU D 44 22.67 24.60 -3.44
CA LEU D 44 22.51 23.32 -4.13
C LEU D 44 23.64 22.35 -3.86
N ARG D 45 24.51 22.66 -2.89
CA ARG D 45 25.70 21.87 -2.63
C ARG D 45 25.36 20.72 -1.70
N ASP D 46 25.40 19.50 -2.23
CA ASP D 46 25.10 18.27 -1.49
C ASP D 46 23.70 18.28 -0.89
N GLU D 47 22.79 19.05 -1.48
CA GLU D 47 21.41 19.09 -1.03
C GLU D 47 20.56 19.67 -2.15
N PHE D 48 19.25 19.41 -2.07
CA PHE D 48 18.32 19.89 -3.08
C PHE D 48 17.20 20.67 -2.39
N PRO D 49 16.95 21.92 -2.82
CA PRO D 49 15.98 22.80 -2.13
C PRO D 49 14.53 22.45 -2.42
N LEU D 50 14.11 21.27 -1.95
CA LEU D 50 12.71 20.90 -1.92
C LEU D 50 12.16 21.27 -0.54
N LEU D 51 11.24 22.23 -0.50
CA LEU D 51 10.81 22.80 0.77
C LEU D 51 10.20 21.73 1.67
N THR D 52 10.46 21.85 2.98
CA THR D 52 10.01 20.86 3.94
C THR D 52 8.85 21.31 4.81
N THR D 53 8.62 22.61 4.96
CA THR D 53 7.49 23.09 5.76
C THR D 53 6.14 22.82 5.10
N LYS D 54 6.14 22.29 3.87
CA LYS D 54 4.93 21.92 3.16
C LYS D 54 5.34 20.98 2.03
N ARG D 55 4.58 19.89 1.87
CA ARG D 55 4.89 18.91 0.85
C ARG D 55 4.82 19.53 -0.54
N VAL D 56 5.89 19.36 -1.31
CA VAL D 56 5.98 19.91 -2.67
C VAL D 56 5.69 18.80 -3.67
N PHE D 57 4.89 19.11 -4.68
CA PHE D 57 4.54 18.14 -5.73
C PHE D 57 5.78 17.86 -6.59
N TRP D 58 6.64 16.98 -6.06
CA TRP D 58 7.89 16.69 -6.75
C TRP D 58 7.65 15.98 -8.09
N LYS D 59 6.68 15.05 -8.12
CA LYS D 59 6.36 14.37 -9.37
C LYS D 59 5.96 15.36 -10.44
N GLY D 60 5.22 16.41 -10.06
CA GLY D 60 4.90 17.46 -11.02
C GLY D 60 6.12 18.25 -11.45
N VAL D 61 7.03 18.50 -10.52
CA VAL D 61 8.25 19.25 -10.85
C VAL D 61 9.07 18.50 -11.90
N LEU D 62 9.28 17.20 -11.67
CA LEU D 62 10.11 16.42 -12.58
C LEU D 62 9.44 16.23 -13.93
N GLU D 63 8.15 15.89 -13.93
CA GLU D 63 7.46 15.63 -15.19
C GLU D 63 7.32 16.91 -16.01
N GLU D 64 7.08 18.06 -15.36
CA GLU D 64 6.94 19.30 -16.09
C GLU D 64 8.26 19.74 -16.71
N LEU D 65 9.37 19.53 -16.01
CA LEU D 65 10.67 19.92 -16.55
C LEU D 65 11.05 19.06 -17.75
N LEU D 66 10.86 17.74 -17.65
CA LEU D 66 11.06 16.88 -18.81
C LEU D 66 10.10 17.24 -19.93
N TRP D 67 8.88 17.66 -19.58
CA TRP D 67 7.91 18.12 -20.56
C TRP D 67 8.35 19.40 -21.25
N PHE D 68 9.05 20.29 -20.53
CA PHE D 68 9.62 21.48 -21.13
C PHE D 68 10.79 21.14 -22.06
N ILE D 69 11.65 20.22 -21.62
CA ILE D 69 12.87 19.92 -22.36
C ILE D 69 12.53 19.28 -23.70
N LYS D 70 11.50 18.43 -23.73
CA LYS D 70 11.06 17.82 -24.98
C LYS D 70 10.45 18.83 -25.96
N GLY D 71 10.27 20.08 -25.54
CA GLY D 71 9.66 21.09 -26.39
C GLY D 71 8.16 21.00 -26.49
N SER D 72 7.51 20.22 -25.62
CA SER D 72 6.07 20.00 -25.74
C SER D 72 5.28 21.22 -25.27
N THR D 73 4.20 21.51 -26.00
CA THR D 73 3.25 22.55 -25.63
C THR D 73 1.85 21.98 -25.47
N ASN D 74 1.73 20.69 -25.20
CA ASN D 74 0.45 20.00 -25.08
C ASN D 74 0.18 19.69 -23.62
N ALA D 75 -0.87 20.30 -23.06
CA ALA D 75 -1.23 20.02 -21.67
C ALA D 75 -1.67 18.58 -21.48
N LYS D 76 -2.28 17.99 -22.51
CA LYS D 76 -2.67 16.58 -22.43
C LYS D 76 -1.45 15.67 -22.35
N GLU D 77 -0.34 16.05 -22.98
CA GLU D 77 0.87 15.24 -22.89
C GLU D 77 1.43 15.22 -21.47
N LEU D 78 1.36 16.36 -20.78
CA LEU D 78 1.78 16.39 -19.39
C LEU D 78 0.74 15.76 -18.48
N SER D 79 -0.54 15.92 -18.81
CA SER D 79 -1.59 15.32 -17.99
C SER D 79 -1.52 13.80 -18.01
N SER D 80 -1.04 13.21 -19.10
CA SER D 80 -0.94 11.76 -19.19
C SER D 80 0.09 11.19 -18.22
N LYS D 81 0.99 12.02 -17.70
CA LYS D 81 1.95 11.58 -16.70
C LYS D 81 1.42 11.74 -15.28
N GLY D 82 0.18 12.19 -15.11
CA GLY D 82 -0.40 12.40 -13.80
C GLY D 82 -0.32 13.81 -13.28
N VAL D 83 0.22 14.74 -14.06
CA VAL D 83 0.41 16.13 -13.65
C VAL D 83 -0.60 16.98 -14.41
N LYS D 84 -1.65 17.41 -13.72
CA LYS D 84 -2.75 18.15 -14.33
C LYS D 84 -2.66 19.65 -14.06
N ILE D 85 -1.45 20.18 -13.84
CA ILE D 85 -1.31 21.59 -13.45
C ILE D 85 -1.60 22.53 -14.61
N TRP D 86 -1.47 22.08 -15.85
CA TRP D 86 -1.71 22.92 -17.01
C TRP D 86 -3.04 22.61 -17.71
N ASP D 87 -3.84 21.70 -17.15
CA ASP D 87 -5.08 21.30 -17.82
C ASP D 87 -6.11 22.41 -17.85
N ALA D 88 -6.11 23.31 -16.87
CA ALA D 88 -7.11 24.36 -16.84
C ALA D 88 -6.92 25.37 -17.97
N ASN D 89 -5.67 25.73 -18.27
CA ASN D 89 -5.39 26.72 -19.30
C ASN D 89 -5.47 26.16 -20.71
N GLY D 90 -5.57 24.84 -20.86
CA GLY D 90 -5.73 24.24 -22.17
C GLY D 90 -7.12 23.74 -22.46
N SER D 91 -8.09 23.99 -21.58
CA SER D 91 -9.45 23.52 -21.79
C SER D 91 -10.12 24.30 -22.92
N ARG D 92 -11.21 23.73 -23.43
CA ARG D 92 -11.93 24.36 -24.53
C ARG D 92 -12.55 25.68 -24.08
N ASP D 93 -13.09 25.73 -22.87
CA ASP D 93 -13.73 26.95 -22.38
C ASP D 93 -12.73 28.10 -22.24
N PHE D 94 -11.53 27.81 -21.73
CA PHE D 94 -10.54 28.86 -21.56
C PHE D 94 -9.94 29.30 -22.89
N LEU D 95 -9.65 28.33 -23.78
CA LEU D 95 -9.10 28.67 -25.09
C LEU D 95 -10.08 29.49 -25.91
N ASP D 96 -11.38 29.25 -25.76
CA ASP D 96 -12.37 30.03 -26.51
C ASP D 96 -12.45 31.46 -25.98
N SER D 97 -12.29 31.64 -24.67
CA SER D 97 -12.34 32.99 -24.09
C SER D 97 -11.20 33.87 -24.56
N LEU D 98 -10.10 33.27 -25.03
CA LEU D 98 -8.97 34.02 -25.57
C LEU D 98 -9.06 34.19 -27.08
N GLY D 99 -10.07 33.60 -27.72
CA GLY D 99 -10.22 33.67 -29.16
C GLY D 99 -9.60 32.53 -29.92
N PHE D 100 -9.20 31.47 -29.24
CA PHE D 100 -8.56 30.32 -29.89
C PHE D 100 -9.61 29.23 -30.11
N SER D 101 -10.57 29.55 -30.97
CA SER D 101 -11.66 28.62 -31.26
C SER D 101 -11.22 27.46 -32.15
N THR D 102 -10.16 27.65 -32.93
CA THR D 102 -9.69 26.62 -33.85
C THR D 102 -8.62 25.72 -33.25
N ARG D 103 -8.30 25.87 -31.97
CA ARG D 103 -7.28 25.07 -31.31
C ARG D 103 -7.90 23.86 -30.63
N GLU D 104 -7.24 22.71 -30.76
CA GLU D 104 -7.64 21.51 -30.04
C GLU D 104 -7.39 21.70 -28.54
N GLU D 105 -8.23 21.07 -27.73
CA GLU D 105 -8.11 21.19 -26.29
C GLU D 105 -6.75 20.68 -25.82
N GLY D 106 -6.05 21.51 -25.05
CA GLY D 106 -4.72 21.19 -24.57
C GLY D 106 -3.60 21.94 -25.26
N ASP D 107 -3.89 22.65 -26.36
CA ASP D 107 -2.88 23.40 -27.09
C ASP D 107 -2.64 24.71 -26.36
N LEU D 108 -1.59 24.73 -25.54
CA LEU D 108 -1.26 25.91 -24.75
C LEU D 108 -0.60 27.01 -25.58
N GLY D 109 -0.26 26.75 -26.83
CA GLY D 109 0.39 27.74 -27.66
C GLY D 109 1.89 27.72 -27.49
N PRO D 110 2.58 28.71 -28.06
CA PRO D 110 4.04 28.77 -27.93
C PRO D 110 4.49 29.16 -26.53
N VAL D 111 4.71 28.17 -25.67
CA VAL D 111 5.07 28.42 -24.27
C VAL D 111 6.48 27.95 -24.03
N TYR D 112 6.80 27.67 -22.75
CA TYR D 112 8.17 27.38 -22.33
C TYR D 112 8.85 26.36 -23.25
N GLY D 113 8.18 25.25 -23.52
CA GLY D 113 8.79 24.20 -24.34
C GLY D 113 9.11 24.67 -25.74
N PHE D 114 8.25 25.52 -26.30
CA PHE D 114 8.50 26.03 -27.64
C PHE D 114 9.62 27.07 -27.65
N GLN D 115 9.62 27.99 -26.68
CA GLN D 115 10.61 29.06 -26.68
C GLN D 115 11.99 28.56 -26.28
N TRP D 116 12.05 27.52 -25.44
CA TRP D 116 13.35 26.98 -25.03
C TRP D 116 14.08 26.31 -26.18
N ARG D 117 13.34 25.66 -27.07
CA ARG D 117 13.93 24.82 -28.10
C ARG D 117 13.80 25.39 -29.51
N HIS D 118 12.80 26.22 -29.76
CA HIS D 118 12.55 26.75 -31.10
C HIS D 118 12.14 28.22 -31.02
N PHE D 119 12.95 29.04 -30.34
CA PHE D 119 12.65 30.46 -30.21
C PHE D 119 12.72 31.16 -31.57
N GLY D 120 11.67 31.90 -31.90
CA GLY D 120 11.60 32.64 -33.15
C GLY D 120 10.93 31.89 -34.28
N ALA D 121 10.59 30.63 -34.10
CA ALA D 121 9.90 29.87 -35.13
C ALA D 121 8.43 30.24 -35.18
N GLU D 122 7.83 30.09 -36.36
CA GLU D 122 6.42 30.38 -36.56
C GLU D 122 5.60 29.23 -35.98
N TYR D 123 4.88 29.50 -34.89
CA TYR D 123 4.11 28.47 -34.21
C TYR D 123 2.83 28.18 -34.96
N ARG D 124 2.56 26.88 -35.17
CA ARG D 124 1.31 26.48 -35.80
C ARG D 124 0.37 25.91 -34.74
N ASP D 125 0.62 24.68 -34.30
CA ASP D 125 -0.17 24.07 -33.23
C ASP D 125 0.75 23.17 -32.41
N MET D 126 0.17 22.43 -31.47
CA MET D 126 0.95 21.61 -30.56
C MET D 126 1.45 20.34 -31.21
N GLU D 127 0.82 19.87 -32.28
CA GLU D 127 1.23 18.64 -32.94
C GLU D 127 2.16 18.89 -34.12
N SER D 128 2.62 20.12 -34.32
CA SER D 128 3.49 20.43 -35.44
C SER D 128 4.94 20.09 -35.12
N ASP D 129 5.72 19.88 -36.18
CA ASP D 129 7.15 19.59 -36.06
C ASP D 129 7.95 20.86 -36.37
N TYR D 130 8.71 21.33 -35.37
CA TYR D 130 9.53 22.53 -35.51
C TYR D 130 11.02 22.19 -35.54
N SER D 131 11.36 20.99 -35.99
CA SER D 131 12.75 20.55 -36.01
C SER D 131 13.59 21.43 -36.94
N GLY D 132 14.71 21.92 -36.41
CA GLY D 132 15.61 22.77 -37.15
C GLY D 132 15.19 24.22 -37.26
N GLN D 133 13.99 24.56 -36.84
CA GLN D 133 13.49 25.93 -36.91
C GLN D 133 13.59 26.57 -35.54
N GLY D 134 13.93 27.85 -35.51
CA GLY D 134 14.03 28.58 -34.27
C GLY D 134 15.37 28.35 -33.56
N VAL D 135 15.50 29.01 -32.42
CA VAL D 135 16.73 28.97 -31.61
C VAL D 135 16.56 27.95 -30.50
N ASP D 136 17.52 27.02 -30.41
CA ASP D 136 17.57 26.04 -29.33
C ASP D 136 18.36 26.66 -28.19
N GLN D 137 17.67 27.41 -27.33
CA GLN D 137 18.36 28.09 -26.23
C GLN D 137 18.93 27.09 -25.23
N LEU D 138 18.20 26.01 -24.96
CA LEU D 138 18.65 25.03 -23.97
C LEU D 138 19.95 24.37 -24.39
N GLN D 139 20.09 24.06 -25.68
CA GLN D 139 21.33 23.48 -26.16
C GLN D 139 22.44 24.53 -26.31
N ARG D 140 22.08 25.78 -26.60
CA ARG D 140 23.08 26.82 -26.72
C ARG D 140 23.73 27.14 -25.38
N VAL D 141 22.95 27.17 -24.30
CA VAL D 141 23.54 27.47 -23.00
C VAL D 141 24.43 26.32 -22.52
N ILE D 142 24.08 25.07 -22.86
CA ILE D 142 24.92 23.95 -22.47
C ILE D 142 26.25 24.00 -23.22
N ASP D 143 26.21 24.35 -24.51
CA ASP D 143 27.45 24.45 -25.27
C ASP D 143 28.29 25.63 -24.80
N THR D 144 27.65 26.73 -24.44
CA THR D 144 28.39 27.90 -23.95
C THR D 144 29.11 27.57 -22.65
N ILE D 145 28.46 26.81 -21.77
CA ILE D 145 29.09 26.43 -20.51
C ILE D 145 30.28 25.50 -20.78
N LYS D 146 30.11 24.57 -21.73
CA LYS D 146 31.16 23.62 -22.05
C LYS D 146 32.38 24.30 -22.68
N THR D 147 32.17 25.39 -23.41
CA THR D 147 33.24 26.01 -24.18
C THR D 147 33.71 27.35 -23.61
N ASN D 148 32.81 28.15 -23.04
CA ASN D 148 33.14 29.47 -22.51
C ASN D 148 32.42 29.67 -21.19
N PRO D 149 32.87 29.00 -20.12
CA PRO D 149 32.14 29.07 -18.85
C PRO D 149 32.15 30.46 -18.22
N ASP D 150 33.08 31.32 -18.60
CA ASP D 150 33.14 32.69 -18.08
C ASP D 150 32.19 33.63 -18.81
N ASP D 151 31.37 33.12 -19.71
CA ASP D 151 30.49 33.99 -20.50
C ASP D 151 29.37 34.54 -19.62
N ARG D 152 29.14 35.84 -19.71
CA ARG D 152 28.10 36.51 -18.95
C ARG D 152 26.80 36.66 -19.74
N ARG D 153 26.60 35.84 -20.77
CA ARG D 153 25.40 35.90 -21.59
C ARG D 153 24.66 34.58 -21.66
N ILE D 154 25.04 33.61 -20.81
CA ILE D 154 24.40 32.29 -20.80
C ILE D 154 22.97 32.46 -20.29
N ILE D 155 22.06 32.80 -21.20
CA ILE D 155 20.70 33.15 -20.86
C ILE D 155 19.73 32.30 -21.68
N MET D 156 18.69 31.80 -21.02
CA MET D 156 17.57 31.14 -21.68
C MET D 156 16.33 31.96 -21.36
N CYS D 157 15.72 32.57 -22.38
CA CYS D 157 14.61 33.49 -22.19
C CYS D 157 13.35 32.93 -22.84
N ALA D 158 12.27 32.86 -22.05
CA ALA D 158 10.99 32.37 -22.52
C ALA D 158 9.99 33.49 -22.80
N TRP D 159 10.38 34.74 -22.60
CA TRP D 159 9.47 35.87 -22.82
C TRP D 159 9.60 36.32 -24.27
N ASN D 160 8.57 36.05 -25.06
CA ASN D 160 8.55 36.39 -26.49
C ASN D 160 7.38 37.33 -26.76
N PRO D 161 7.63 38.65 -26.87
CA PRO D 161 6.52 39.58 -27.09
C PRO D 161 5.71 39.30 -28.34
N ARG D 162 6.33 38.76 -29.39
CA ARG D 162 5.60 38.48 -30.63
C ARG D 162 4.63 37.31 -30.43
N ASP D 163 5.11 36.22 -29.82
CA ASP D 163 4.25 35.07 -29.56
C ASP D 163 3.38 35.25 -28.32
N LEU D 164 3.51 36.38 -27.63
CA LEU D 164 2.80 36.58 -26.37
C LEU D 164 1.28 36.49 -26.51
N PRO D 165 0.63 37.15 -27.48
CA PRO D 165 -0.84 37.04 -27.57
C PRO D 165 -1.34 35.67 -27.98
N LEU D 166 -0.46 34.76 -28.41
CA LEU D 166 -0.84 33.41 -28.78
C LEU D 166 -0.69 32.42 -27.63
N MET D 167 -0.20 32.87 -26.47
CA MET D 167 0.02 32.00 -25.33
C MET D 167 -1.22 31.98 -24.44
N ALA D 168 -1.57 30.79 -23.94
CA ALA D 168 -2.67 30.68 -23.00
C ALA D 168 -2.35 31.38 -21.69
N LEU D 169 -1.08 31.45 -21.34
CA LEU D 169 -0.60 32.17 -20.15
C LEU D 169 0.80 32.70 -20.43
N PRO D 170 1.02 34.00 -20.30
CA PRO D 170 2.37 34.52 -20.48
C PRO D 170 3.31 33.94 -19.44
N PRO D 171 4.58 33.75 -19.79
CA PRO D 171 5.50 33.07 -18.86
C PRO D 171 5.70 33.84 -17.56
N CYS D 172 5.53 33.13 -16.45
CA CYS D 172 5.82 33.71 -15.14
C CYS D 172 7.32 33.73 -14.89
N HIS D 173 7.98 32.58 -15.04
CA HIS D 173 9.44 32.53 -15.03
C HIS D 173 9.92 32.87 -16.44
N ALA D 174 10.20 34.15 -16.65
CA ALA D 174 10.41 34.69 -17.99
C ALA D 174 11.85 34.51 -18.48
N LEU D 175 12.82 34.52 -17.57
CA LEU D 175 14.22 34.49 -17.96
C LEU D 175 15.04 33.85 -16.85
N CYS D 176 16.03 33.05 -17.23
CA CYS D 176 16.98 32.49 -16.28
C CYS D 176 18.38 32.61 -16.85
N GLN D 177 19.35 32.81 -15.97
CA GLN D 177 20.74 33.01 -16.35
C GLN D 177 21.62 32.03 -15.59
N PHE D 178 22.67 31.56 -16.25
CA PHE D 178 23.60 30.62 -15.66
C PHE D 178 24.97 31.27 -15.45
N TYR D 179 25.71 30.75 -14.47
CA TYR D 179 26.94 31.37 -14.00
C TYR D 179 27.89 30.27 -13.55
N VAL D 180 29.14 30.35 -13.99
CA VAL D 180 30.15 29.33 -13.71
C VAL D 180 31.40 29.99 -13.18
N VAL D 181 31.89 29.51 -12.04
CA VAL D 181 33.19 29.89 -11.51
C VAL D 181 33.66 28.77 -10.59
N ASN D 182 34.97 28.47 -10.66
CA ASN D 182 35.56 27.40 -9.86
C ASN D 182 34.82 26.09 -10.06
N SER D 183 34.42 25.81 -11.30
CA SER D 183 33.68 24.60 -11.68
C SER D 183 32.37 24.47 -10.91
N GLU D 184 31.75 25.59 -10.56
CA GLU D 184 30.46 25.60 -9.89
C GLU D 184 29.42 26.26 -10.78
N LEU D 185 28.30 25.58 -11.00
CA LEU D 185 27.22 26.08 -11.83
C LEU D 185 26.14 26.69 -10.96
N SER D 186 25.80 27.95 -11.24
CA SER D 186 24.72 28.65 -10.54
C SER D 186 23.67 29.09 -11.54
N CYS D 187 22.49 29.42 -11.03
CA CYS D 187 21.37 29.79 -11.87
C CYS D 187 20.51 30.82 -11.15
N GLN D 188 20.24 31.94 -11.81
CA GLN D 188 19.32 32.95 -11.31
C GLN D 188 18.09 32.99 -12.20
N LEU D 189 16.91 33.01 -11.59
CA LEU D 189 15.64 33.06 -12.28
C LEU D 189 14.93 34.37 -12.00
N TYR D 190 14.37 34.98 -13.03
CA TYR D 190 13.49 36.15 -12.86
C TYR D 190 12.05 35.71 -13.04
N GLN D 191 11.29 35.71 -11.95
CA GLN D 191 9.88 35.37 -11.96
C GLN D 191 9.08 36.66 -11.85
N ARG D 192 8.34 37.01 -12.91
CA ARG D 192 7.61 38.26 -12.94
C ARG D 192 6.50 38.30 -11.90
N SER D 193 5.88 37.15 -11.60
CA SER D 193 4.85 37.09 -10.57
C SER D 193 4.87 35.70 -9.94
N GLY D 194 4.94 35.66 -8.62
CA GLY D 194 5.02 34.40 -7.91
C GLY D 194 3.96 34.22 -6.84
N ASP D 195 3.15 33.17 -6.98
CA ASP D 195 2.21 32.78 -5.93
C ASP D 195 3.00 32.10 -4.82
N MET D 196 3.25 32.84 -3.73
CA MET D 196 4.10 32.32 -2.67
C MET D 196 3.51 31.07 -2.04
N GLY D 197 2.18 30.94 -2.04
CA GLY D 197 1.54 29.79 -1.44
C GLY D 197 1.66 28.54 -2.27
N LEU D 198 1.34 28.61 -3.56
CA LEU D 198 1.29 27.44 -4.41
C LEU D 198 2.41 27.38 -5.44
N GLY D 199 2.70 28.48 -6.11
CA GLY D 199 3.64 28.45 -7.22
C GLY D 199 5.11 28.51 -6.84
N VAL D 200 5.45 29.39 -5.90
CA VAL D 200 6.88 29.64 -5.61
C VAL D 200 7.60 28.39 -5.10
N PRO D 201 7.08 27.63 -4.14
CA PRO D 201 7.79 26.40 -3.75
C PRO D 201 7.96 25.43 -4.90
N PHE D 202 6.96 25.33 -5.79
CA PHE D 202 7.07 24.48 -6.96
C PHE D 202 8.16 24.98 -7.91
N ASN D 203 8.22 26.29 -8.13
CA ASN D 203 9.16 26.83 -9.11
C ASN D 203 10.61 26.72 -8.65
N ILE D 204 10.85 26.78 -7.34
CA ILE D 204 12.22 26.70 -6.82
C ILE D 204 12.82 25.34 -7.16
N ALA D 205 12.08 24.27 -6.87
CA ALA D 205 12.57 22.93 -7.19
C ALA D 205 12.70 22.71 -8.69
N SER D 206 11.86 23.38 -9.48
CA SER D 206 11.90 23.20 -10.93
C SER D 206 13.25 23.64 -11.50
N TYR D 207 13.64 24.88 -11.22
CA TYR D 207 14.91 25.38 -11.75
C TYR D 207 16.12 24.86 -10.99
N ALA D 208 15.94 24.39 -9.76
CA ALA D 208 17.03 23.69 -9.09
C ALA D 208 17.30 22.34 -9.74
N LEU D 209 16.24 21.64 -10.14
CA LEU D 209 16.41 20.38 -10.87
C LEU D 209 17.06 20.61 -12.22
N LEU D 210 16.70 21.69 -12.90
CA LEU D 210 17.32 22.01 -14.18
C LEU D 210 18.81 22.27 -14.02
N THR D 211 19.20 22.93 -12.92
CA THR D 211 20.62 23.16 -12.67
C THR D 211 21.37 21.87 -12.36
N TYR D 212 20.72 20.92 -11.71
CA TYR D 212 21.34 19.62 -11.46
C TYR D 212 21.53 18.85 -12.76
N MET D 213 20.57 18.96 -13.70
CA MET D 213 20.70 18.28 -14.98
C MET D 213 21.88 18.82 -15.78
N ILE D 214 21.97 20.14 -15.90
CA ILE D 214 23.03 20.75 -16.71
C ILE D 214 24.39 20.57 -16.07
N ALA D 215 24.45 20.58 -14.73
CA ALA D 215 25.72 20.34 -14.05
C ALA D 215 26.22 18.93 -14.31
N HIS D 216 25.31 17.96 -14.37
CA HIS D 216 25.69 16.58 -14.66
C HIS D 216 26.23 16.44 -16.08
N ILE D 217 25.61 17.13 -17.04
CA ILE D 217 26.05 17.02 -18.44
C ILE D 217 27.37 17.73 -18.64
N THR D 218 27.52 18.93 -18.09
CA THR D 218 28.74 19.71 -18.26
C THR D 218 29.83 19.34 -17.27
N GLY D 219 29.59 18.35 -16.41
CA GLY D 219 30.59 17.94 -15.44
C GLY D 219 30.91 18.98 -14.39
N LEU D 220 29.93 19.78 -13.98
CA LEU D 220 30.12 20.80 -12.96
C LEU D 220 29.36 20.44 -11.70
N LYS D 221 29.70 21.13 -10.60
CA LYS D 221 29.02 20.94 -9.33
C LYS D 221 27.95 22.00 -9.14
N PRO D 222 26.73 21.64 -8.75
CA PRO D 222 25.70 22.66 -8.50
C PRO D 222 26.11 23.60 -7.38
N GLY D 223 25.87 24.89 -7.59
CA GLY D 223 26.25 25.90 -6.63
C GLY D 223 25.05 26.49 -5.89
N ASP D 224 24.59 27.65 -6.33
CA ASP D 224 23.45 28.32 -5.73
C ASP D 224 22.34 28.53 -6.76
N PHE D 225 21.11 28.65 -6.26
CA PHE D 225 19.97 29.05 -7.07
C PHE D 225 19.43 30.36 -6.52
N ILE D 226 19.54 31.43 -7.31
CA ILE D 226 19.08 32.75 -6.91
C ILE D 226 17.68 32.95 -7.48
N HIS D 227 16.70 33.15 -6.60
CA HIS D 227 15.31 33.32 -7.00
C HIS D 227 14.93 34.79 -6.87
N THR D 228 14.79 35.47 -8.01
CA THR D 228 14.37 36.86 -8.05
C THR D 228 12.91 36.93 -8.45
N LEU D 229 12.12 37.71 -7.71
CA LEU D 229 10.68 37.82 -7.92
C LEU D 229 10.31 39.25 -8.29
N GLY D 230 9.32 39.38 -9.18
CA GLY D 230 8.71 40.66 -9.45
C GLY D 230 7.58 40.93 -8.48
N ASP D 231 6.36 40.53 -8.86
CA ASP D 231 5.20 40.64 -7.97
C ASP D 231 5.14 39.38 -7.12
N ALA D 232 5.76 39.44 -5.94
CA ALA D 232 5.67 38.37 -4.95
C ALA D 232 4.43 38.61 -4.11
N HIS D 233 3.43 37.74 -4.24
CA HIS D 233 2.12 37.98 -3.66
C HIS D 233 1.62 36.75 -2.92
N ILE D 234 0.77 37.01 -1.92
CA ILE D 234 0.06 35.98 -1.17
C ILE D 234 -1.42 36.21 -1.39
N TYR D 235 -2.12 35.21 -1.91
CA TYR D 235 -3.55 35.32 -2.11
C TYR D 235 -4.27 35.39 -0.78
N LEU D 236 -5.41 36.10 -0.77
CA LEU D 236 -6.11 36.37 0.49
C LEU D 236 -6.60 35.10 1.15
N ASN D 237 -6.98 34.10 0.36
CA ASN D 237 -7.38 32.81 0.90
C ASN D 237 -6.21 31.92 1.27
N HIS D 238 -4.96 32.40 1.11
CA HIS D 238 -3.77 31.67 1.51
C HIS D 238 -3.17 32.24 2.78
N ILE D 239 -3.72 33.32 3.32
CA ILE D 239 -3.10 34.01 4.45
C ILE D 239 -3.08 33.12 5.68
N GLU D 240 -4.24 32.58 6.04
CA GLU D 240 -4.33 31.74 7.23
C GLU D 240 -3.54 30.43 7.09
N PRO D 241 -3.60 29.72 5.95
CA PRO D 241 -2.73 28.54 5.81
C PRO D 241 -1.25 28.88 5.88
N LEU D 242 -0.83 30.00 5.28
CA LEU D 242 0.58 30.36 5.31
C LEU D 242 1.02 30.81 6.71
N LYS D 243 0.11 31.41 7.48
CA LYS D 243 0.42 31.74 8.86
C LYS D 243 0.71 30.48 9.67
N ILE D 244 0.03 29.38 9.33
CA ILE D 244 0.28 28.12 10.01
C ILE D 244 1.64 27.55 9.60
N GLN D 245 1.95 27.58 8.31
CA GLN D 245 3.23 27.07 7.83
C GLN D 245 4.41 27.86 8.39
N LEU D 246 4.23 29.16 8.60
CA LEU D 246 5.31 30.01 9.08
C LEU D 246 5.74 29.64 10.51
N GLN D 247 4.89 28.96 11.26
CA GLN D 247 5.19 28.53 12.62
C GLN D 247 5.76 27.12 12.68
N ARG D 248 6.21 26.58 11.55
CA ARG D 248 6.76 25.23 11.48
C ARG D 248 8.28 25.29 11.40
N GLU D 249 8.92 24.31 12.02
CA GLU D 249 10.38 24.22 11.96
C GLU D 249 10.80 23.49 10.67
N PRO D 250 11.60 24.12 9.81
CA PRO D 250 12.04 23.43 8.60
C PRO D 250 12.97 22.27 8.94
N ARG D 251 12.89 21.23 8.12
CA ARG D 251 13.75 20.07 8.24
C ARG D 251 14.87 20.13 7.22
N PRO D 252 15.93 19.35 7.39
CA PRO D 252 17.04 19.40 6.44
C PRO D 252 16.58 19.12 5.02
N PHE D 253 17.17 19.84 4.07
CA PHE D 253 16.82 19.65 2.68
C PHE D 253 17.14 18.21 2.27
N PRO D 254 16.37 17.64 1.35
CA PRO D 254 16.70 16.30 0.86
C PRO D 254 17.86 16.35 -0.10
N LYS D 255 18.24 15.19 -0.65
CA LYS D 255 19.30 15.10 -1.63
C LYS D 255 18.75 14.48 -2.92
N LEU D 256 19.28 14.94 -4.05
CA LEU D 256 18.88 14.47 -5.36
C LEU D 256 19.99 13.60 -5.93
N ARG D 257 19.62 12.39 -6.37
CA ARG D 257 20.57 11.44 -6.93
C ARG D 257 20.24 11.17 -8.38
N ILE D 258 21.22 11.36 -9.26
CA ILE D 258 21.09 11.03 -10.67
C ILE D 258 21.63 9.61 -10.88
N LEU D 259 20.78 8.71 -11.36
CA LEU D 259 21.09 7.28 -11.29
C LEU D 259 22.05 6.82 -12.37
N ARG D 260 22.03 7.42 -13.55
CA ARG D 260 22.91 6.99 -14.64
C ARG D 260 23.60 8.18 -15.29
N LYS D 261 24.67 7.88 -16.02
CA LYS D 261 25.47 8.88 -16.70
C LYS D 261 24.80 9.23 -18.02
N VAL D 262 24.22 10.43 -18.08
CA VAL D 262 23.49 10.92 -19.23
C VAL D 262 24.34 11.95 -19.95
N GLU D 263 24.38 11.86 -21.30
CA GLU D 263 25.21 12.71 -22.14
C GLU D 263 24.47 13.91 -22.72
N LYS D 264 23.19 13.77 -23.08
CA LYS D 264 22.41 14.87 -23.64
C LYS D 264 21.18 15.12 -22.78
N ILE D 265 20.76 16.39 -22.72
CA ILE D 265 19.63 16.79 -21.90
C ILE D 265 18.35 16.08 -22.33
N ASP D 266 18.28 15.64 -23.59
CA ASP D 266 17.09 14.98 -24.09
C ASP D 266 16.99 13.52 -23.64
N ASP D 267 18.08 12.94 -23.15
CA ASP D 267 18.08 11.54 -22.72
C ASP D 267 17.62 11.36 -21.28
N PHE D 268 17.45 12.43 -20.52
CA PHE D 268 17.04 12.29 -19.13
C PHE D 268 15.61 11.74 -19.06
N LYS D 269 15.44 10.67 -18.33
CA LYS D 269 14.14 10.08 -18.07
C LYS D 269 13.74 10.32 -16.61
N ALA D 270 12.45 10.17 -16.34
CA ALA D 270 11.95 10.37 -14.97
C ALA D 270 12.53 9.34 -14.02
N GLU D 271 12.86 8.15 -14.52
CA GLU D 271 13.43 7.10 -13.68
C GLU D 271 14.90 7.31 -13.38
N ASP D 272 15.50 8.40 -13.85
CA ASP D 272 16.90 8.69 -13.61
C ASP D 272 17.15 9.50 -12.35
N PHE D 273 16.10 9.93 -11.66
CA PHE D 273 16.22 10.83 -10.52
C PHE D 273 15.61 10.20 -9.28
N GLN D 274 16.27 10.40 -8.15
CA GLN D 274 15.86 9.85 -6.86
C GLN D 274 16.02 10.90 -5.78
N ILE D 275 14.93 11.25 -5.12
CA ILE D 275 14.94 12.17 -3.99
C ILE D 275 15.05 11.35 -2.70
N GLU D 276 16.10 11.60 -1.93
CA GLU D 276 16.37 10.85 -0.71
C GLU D 276 16.32 11.78 0.49
N GLY D 277 15.69 11.31 1.57
CA GLY D 277 15.64 12.08 2.79
C GLY D 277 14.64 13.22 2.80
N TYR D 278 13.51 13.07 2.11
CA TYR D 278 12.50 14.12 2.05
C TYR D 278 11.39 13.76 3.03
N ASN D 279 11.30 14.52 4.12
CA ASN D 279 10.32 14.31 5.17
C ASN D 279 9.61 15.64 5.43
N PRO D 280 8.68 16.03 4.57
CA PRO D 280 8.03 17.33 4.74
C PRO D 280 6.93 17.26 5.80
N HIS D 281 6.50 18.45 6.22
CA HIS D 281 5.38 18.54 7.15
C HIS D 281 4.09 18.13 6.44
N PRO D 282 3.05 17.79 7.21
CA PRO D 282 1.78 17.42 6.59
C PRO D 282 1.20 18.55 5.74
N THR D 283 0.50 18.16 4.68
CA THR D 283 -0.11 19.12 3.77
C THR D 283 -1.23 19.89 4.48
N ILE D 284 -1.45 21.13 4.04
CA ILE D 284 -2.51 21.96 4.61
C ILE D 284 -3.61 22.15 3.58
N1 UMP E . 2.45 0.74 13.01
C2 UMP E . 2.50 -0.40 13.85
N3 UMP E . 1.73 -1.50 13.48
C4 UMP E . 0.92 -1.58 12.35
C5 UMP E . 0.91 -0.38 11.53
C6 UMP E . 1.64 0.69 11.89
O2 UMP E . 3.18 -0.46 14.89
O4 UMP E . 0.28 -2.60 12.12
C1' UMP E . 3.24 1.98 13.32
C2' UMP E . 4.76 1.78 13.44
C3' UMP E . 5.22 3.19 13.14
C4' UMP E . 4.26 3.61 12.02
O3' UMP E . 5.09 4.02 14.28
O4' UMP E . 3.06 2.88 12.28
C5' UMP E . 4.78 3.29 10.61
O5' UMP E . 5.76 4.21 10.16
P UMP E . 7.06 3.75 9.31
OP1 UMP E . 7.94 2.93 10.40
OP2 UMP E . 6.79 3.05 8.02
OP3 UMP E . 7.90 5.14 9.19
C14 OEJ F . -6.61 1.61 16.57
C13 OEJ F . -3.72 -0.11 14.77
C1 OEJ F . -0.47 3.72 11.81
C6 OEJ F . -1.86 2.20 10.93
C5 OEJ F . -1.61 1.81 12.22
C4 OEJ F . 0.90 4.97 13.12
C3 OEJ F . -0.07 2.98 14.09
C2 OEJ F . -0.73 2.79 12.78
C7 OEJ F . -2.18 0.58 12.90
C10 OEJ F . -5.07 2.37 14.68
C11 OEJ F . -5.47 1.38 15.62
C12 OEJ F . -4.79 0.15 15.65
C15 OEJ F . -8.73 2.97 16.76
C16 OEJ F . -9.10 2.59 18.08
C17 OEJ F . -10.31 3.04 18.67
C18 OEJ F . -11.15 3.87 17.92
C19 OEJ F . -10.81 4.26 16.62
C20 OEJ F . -9.61 3.82 16.02
C21 OEJ F . -9.29 4.26 14.60
C22 OEJ F . -10.70 2.64 20.06
C8 OEJ F . -3.32 0.88 13.84
C9 OEJ F . -4.00 2.10 13.80
N1 OEJ F . 0.35 4.83 11.95
N2 OEJ F . 0.71 4.07 14.19
N3 OEJ F . -1.15 3.36 10.68
N4 OEJ F . 1.74 6.01 13.48
N5 OEJ F . -7.52 2.51 16.16
O1 OEJ F . -0.23 2.20 15.03
O2 OEJ F . -6.65 0.97 17.62
O3 OEJ F . -10.39 4.50 13.84
O4 OEJ F . -8.15 4.42 14.18
O5 OEJ F . -11.80 2.91 20.51
O6 OEJ F . -9.74 1.95 20.75
N1 UMP G . 21.62 -23.60 9.24
C2 UMP G . 22.03 -22.56 10.11
N3 UMP G . 22.56 -21.41 9.50
C4 UMP G . 22.70 -21.21 8.14
C5 UMP G . 22.26 -22.32 7.30
C6 UMP G . 21.75 -23.43 7.87
O2 UMP G . 21.96 -22.61 11.33
O4 UMP G . 23.18 -20.16 7.72
C1' UMP G . 21.03 -24.89 9.79
C2' UMP G . 19.70 -24.70 10.52
C3' UMP G . 19.09 -26.08 10.31
C4' UMP G . 19.57 -26.45 8.90
O3' UMP G . 19.55 -26.98 11.29
O4' UMP G . 20.80 -25.75 8.73
C5' UMP G . 18.57 -26.05 7.80
O5' UMP G . 17.43 -26.91 7.76
P UMP G . 15.94 -26.35 7.48
OP1 UMP G . 15.66 -25.42 8.77
OP2 UMP G . 15.71 -25.72 6.14
OP3 UMP G . 15.01 -27.65 7.79
N1 UMP H . -34.84 4.04 -9.56
C2 UMP H . -35.10 2.83 -10.24
N3 UMP H . -34.64 1.64 -9.64
C4 UMP H . -33.95 1.56 -8.44
C5 UMP H . -33.71 2.84 -7.79
C6 UMP H . -34.14 3.99 -8.36
O2 UMP H . -35.70 2.78 -11.31
O4 UMP H . -33.58 0.47 -8.01
C1' UMP H . -35.30 5.36 -10.12
C2' UMP H . -36.82 5.51 -10.27
C3' UMP H . -36.94 7.02 -10.21
C4' UMP H . -35.91 7.38 -9.13
O3' UMP H . -36.60 7.58 -11.47
O4' UMP H . -34.91 6.37 -9.23
C5' UMP H . -36.51 7.43 -7.71
O5' UMP H . -37.15 8.65 -7.40
P UMP H . -38.58 8.75 -6.62
OP1 UMP H . -38.54 8.47 -5.15
OP2 UMP H . -39.09 10.24 -7.02
OP3 UMP H . -39.56 7.82 -7.50
C14 OEJ I . -26.29 2.01 -13.02
C13 OEJ I . -29.43 1.58 -10.92
C1 OEJ I . -31.50 6.63 -9.09
C6 OEJ I . -30.52 5.13 -7.74
C5 OEJ I . -30.85 4.48 -8.90
C4 OEJ I . -32.53 7.75 -10.77
C3 OEJ I . -32.05 5.41 -11.11
C2 OEJ I . -31.47 5.44 -9.75
C7 OEJ I . -30.59 3.02 -9.21
C10 OEJ I . -27.42 3.52 -11.30
C11 OEJ I . -27.38 2.31 -12.04
C12 OEJ I . -28.39 1.35 -11.83
C15 OEJ I . -23.94 2.68 -13.59
C16 OEJ I . -23.88 2.08 -14.87
C17 OEJ I . -22.68 2.01 -15.60
C18 OEJ I . -21.51 2.56 -15.04
C19 OEJ I . -21.54 3.15 -13.76
C20 OEJ I . -22.75 3.23 -13.02
C21 OEJ I . -22.70 3.88 -11.65
C22 OEJ I . -22.64 1.37 -16.96
C8 OEJ I . -29.47 2.78 -10.19
C9 OEJ I . -28.46 3.75 -10.38
N1 OEJ I . -32.02 7.83 -9.56
N2 OEJ I . -32.56 6.58 -11.55
N3 OEJ I . -30.92 6.45 -7.86
N4 OEJ I . -33.10 8.81 -11.43
N5 OEJ I . -25.17 2.73 -12.86
O1 OEJ I . -32.08 4.39 -11.80
O2 OEJ I . -26.46 1.14 -13.88
O3 OEJ I . -23.59 4.91 -11.49
O4 OEJ I . -21.93 3.53 -10.76
O5 OEJ I . -23.59 1.45 -17.75
O6 OEJ I . -21.48 0.71 -17.22
N1 UMP J . 2.19 31.34 -10.93
C2 UMP J . 3.43 31.10 -10.29
N3 UMP J . 4.33 30.26 -10.94
C4 UMP J . 4.11 29.64 -12.16
C5 UMP J . 2.82 29.92 -12.76
C6 UMP J . 1.94 30.73 -12.15
O2 UMP J . 3.74 31.60 -9.20
O4 UMP J . 4.99 28.92 -12.64
C1' UMP J . 1.16 32.24 -10.29
C2' UMP J . 1.56 33.71 -10.25
C3' UMP J . 0.21 34.37 -10.27
C4' UMP J . -0.60 33.46 -11.20
O3' UMP J . -0.34 34.41 -8.96
O4' UMP J . -0.02 32.17 -11.05
C5' UMP J . -0.54 33.90 -12.68
O5' UMP J . 0.05 35.19 -12.85
P UMP J . -0.55 36.34 -13.82
OP1 UMP J . 0.64 37.44 -13.78
OP2 UMP J . -1.90 36.86 -13.46
OP3 UMP J . -0.39 35.70 -15.29
#